data_9FF5
#
_entry.id   9FF5
#
_cell.length_a   88.205
_cell.length_b   100.147
_cell.length_c   96.606
_cell.angle_alpha   90.000
_cell.angle_beta   112.335
_cell.angle_gamma   90.000
#
_symmetry.space_group_name_H-M   'P 1 21 1'
#
loop_
_entity.id
_entity.type
_entity.pdbx_description
1 polymer "DNA (5'-D(*AP*AP*TP*AP*TP*TP*AP*TP*TP*AP*AP*CP*AP*AP*AP*AP*TP*AP*AP*TP*AP*TP*T)-3')"
2 polymer "DNA (5'-D(*AP*AP*TP*AP*TP*TP*AP*TP*TP*TP*TP*GP*TP*TP*AP*AP*TP*AP*AP*TP*AP*TP*T)-3')"
3 polymer 'HTH-type transcriptional regulator Hpr'
4 polymer "DNA (5'-D(*AP*AP*TP*AP*TP*AP*TP*T)-3')"
#
loop_
_entity_poly.entity_id
_entity_poly.type
_entity_poly.pdbx_seq_one_letter_code
_entity_poly.pdbx_strand_id
1 'polydeoxyribonucleotide'
;(DA)(DA)(DT)(DA)(DT)(DT)(DA)(DT)(DT)(DA)(DA)(DC)(DA)(DA)(DA)(DA)(DT)(DA)(DA)(DT)
(DA)(DT)(DT)
;
I,E,F
2 'polydeoxyribonucleotide'
;(DA)(DA)(DT)(DA)(DT)(DT)(DA)(DT)(DT)(DT)(DT)(DG)(DT)(DT)(DA)(DA)(DT)(DA)(DA)(DT)
(DA)(DT)(DT)
;
J,H
3 'polypeptide(L)'
;MKATEQHYSIKEAMLFSQRIAQLSKALWKSIEKDWQRWIKPFDLNINEHHILWIAYHFKGASISEIAKFGVMHVSTAFNF
SKKLEEKGLLSFSKKQDDKRNTYIELTEKGEEVLMKLMETYDPTKNAVFNGALPLRELYGKFPEILEMMCIVRNIYGDDF
MEIFERAFENIKEDFIEQDGKLVKRKPKTEEHEKELASQANHHHHHH
;
B,C,A,D
4 'polydeoxyribonucleotide' (DA)(DA)(DT)(DA)(DT)(DA)(DT)(DT) G
#
# COMPACT_ATOMS: atom_id res chain seq x y z
N HIS C 7 22.26 4.07 -8.39
CA HIS C 7 22.49 3.67 -7.01
C HIS C 7 21.79 4.65 -6.08
N TYR C 8 22.27 4.76 -4.84
CA TYR C 8 21.63 5.60 -3.83
C TYR C 8 22.61 6.67 -3.38
N SER C 9 22.20 7.93 -3.50
CA SER C 9 22.92 9.04 -2.90
C SER C 9 22.76 9.01 -1.37
N ILE C 10 23.78 9.51 -0.65
CA ILE C 10 23.74 9.47 0.81
C ILE C 10 22.70 10.45 1.35
N LYS C 11 22.34 11.45 0.55
CA LYS C 11 21.18 12.29 0.85
C LYS C 11 19.90 11.47 0.98
N GLU C 12 19.66 10.55 0.03
CA GLU C 12 18.51 9.64 0.12
C GLU C 12 18.57 8.80 1.39
N ALA C 13 19.75 8.25 1.69
CA ALA C 13 19.85 7.35 2.83
C ALA C 13 19.61 8.08 4.14
N MET C 14 20.11 9.32 4.29
CA MET C 14 19.79 10.11 5.50
C MET C 14 18.31 10.45 5.57
N LEU C 15 17.70 10.86 4.46
CA LEU C 15 16.27 11.12 4.52
C LEU C 15 15.52 9.89 5.04
N PHE C 16 15.81 8.72 4.50
CA PHE C 16 15.09 7.52 4.95
C PHE C 16 15.37 7.23 6.43
N SER C 17 16.64 7.24 6.82
CA SER C 17 16.93 6.92 8.21
C SER C 17 16.15 7.82 9.14
N GLN C 18 16.22 9.13 8.95
CA GLN C 18 15.60 9.99 9.94
C GLN C 18 14.09 9.78 9.95
N ARG C 19 13.48 9.52 8.79
CA ARG C 19 12.03 9.37 8.78
C ARG C 19 11.64 8.16 9.60
N ILE C 20 12.38 7.07 9.43
CA ILE C 20 12.05 5.79 10.04
C ILE C 20 12.42 5.78 11.53
N ALA C 21 13.46 6.53 11.89
CA ALA C 21 13.79 6.68 13.29
C ALA C 21 12.68 7.38 14.02
N GLN C 22 12.34 8.59 13.59
CA GLN C 22 11.28 9.28 14.28
C GLN C 22 10.02 8.43 14.37
N LEU C 23 9.54 7.89 13.23
CA LEU C 23 8.32 7.07 13.29
C LEU C 23 8.41 5.89 14.25
N SER C 24 9.54 5.18 14.26
CA SER C 24 9.61 4.00 15.11
C SER C 24 9.51 4.39 16.56
N LYS C 25 10.28 5.41 16.94
CA LYS C 25 10.29 5.93 18.29
C LYS C 25 8.89 6.34 18.74
N ALA C 26 8.19 7.18 17.96
CA ALA C 26 6.87 7.64 18.37
C ALA C 26 5.93 6.47 18.65
N LEU C 27 5.86 5.53 17.72
CA LEU C 27 4.91 4.44 17.89
C LEU C 27 5.24 3.55 19.10
N TRP C 28 6.54 3.21 19.30
CA TRP C 28 6.88 2.38 20.47
C TRP C 28 6.62 3.11 21.77
N LYS C 29 6.79 4.43 21.78
CA LYS C 29 6.59 5.15 23.04
C LYS C 29 5.11 5.12 23.44
N SER C 30 4.22 5.23 22.45
CA SER C 30 2.79 5.07 22.75
C SER C 30 2.46 3.68 23.32
N ILE C 31 2.93 2.62 22.65
CA ILE C 31 2.63 1.26 23.11
C ILE C 31 3.26 0.94 24.45
N GLU C 32 4.38 1.58 24.76
CA GLU C 32 4.92 1.32 26.08
C GLU C 32 4.00 1.93 27.12
N LYS C 33 3.57 3.18 26.88
CA LYS C 33 2.69 3.87 27.82
C LYS C 33 1.48 3.01 28.18
N ASP C 34 0.84 2.40 27.18
CA ASP C 34 -0.40 1.66 27.48
C ASP C 34 -0.13 0.26 28.04
N TRP C 35 0.91 -0.41 27.54
CA TRP C 35 1.17 -1.79 27.98
C TRP C 35 1.57 -1.83 29.45
N GLN C 36 2.32 -0.83 29.90
CA GLN C 36 2.74 -0.78 31.29
C GLN C 36 1.55 -0.60 32.23
N ARG C 37 0.53 0.17 31.80
CA ARG C 37 -0.62 0.37 32.69
C ARG C 37 -1.49 -0.87 32.73
N TRP C 38 -1.72 -1.48 31.57
CA TRP C 38 -2.51 -2.70 31.53
C TRP C 38 -1.91 -3.75 32.47
N ILE C 39 -0.59 -3.79 32.58
CA ILE C 39 0.01 -4.83 33.41
C ILE C 39 0.25 -4.40 34.86
N LYS C 40 0.43 -3.10 35.14
CA LYS C 40 0.96 -2.69 36.43
C LYS C 40 0.24 -3.26 37.64
N PRO C 41 -1.09 -3.31 37.69
CA PRO C 41 -1.76 -3.96 38.84
C PRO C 41 -1.29 -5.38 39.14
N PHE C 42 -0.75 -6.11 38.18
CA PHE C 42 -0.41 -7.52 38.38
C PHE C 42 1.04 -7.72 38.78
N ASP C 43 1.70 -6.68 39.27
CA ASP C 43 3.08 -6.78 39.71
C ASP C 43 3.93 -7.39 38.60
N LEU C 44 3.80 -6.81 37.39
CA LEU C 44 4.48 -7.25 36.17
C LEU C 44 5.14 -6.04 35.48
N ASN C 45 6.19 -6.34 34.72
CA ASN C 45 6.80 -5.44 33.77
C ASN C 45 6.64 -5.97 32.34
N ILE C 46 6.94 -5.13 31.34
CA ILE C 46 6.55 -5.47 29.98
C ILE C 46 7.20 -6.78 29.55
N ASN C 47 8.53 -6.89 29.68
CA ASN C 47 9.24 -8.08 29.20
C ASN C 47 8.81 -9.33 29.95
N GLU C 48 8.49 -9.19 31.24
CA GLU C 48 7.97 -10.33 31.99
C GLU C 48 6.69 -10.88 31.36
N HIS C 49 5.69 -10.00 31.21
CA HIS C 49 4.51 -10.40 30.50
C HIS C 49 4.85 -11.07 29.18
N HIS C 50 5.71 -10.42 28.37
CA HIS C 50 6.09 -10.97 27.08
C HIS C 50 6.54 -12.41 27.19
N ILE C 51 7.25 -12.74 28.28
CA ILE C 51 7.75 -14.09 28.51
C ILE C 51 6.62 -15.05 28.80
N LEU C 52 5.72 -14.68 29.69
CA LEU C 52 4.60 -15.58 29.93
C LEU C 52 3.87 -15.91 28.63
N TRP C 53 3.65 -14.89 27.77
CA TRP C 53 2.93 -15.11 26.51
C TRP C 53 3.69 -16.07 25.57
N ILE C 54 4.96 -15.73 25.26
CA ILE C 54 5.84 -16.64 24.52
C ILE C 54 5.61 -18.06 24.98
N ALA C 55 5.72 -18.30 26.30
CA ALA C 55 5.71 -19.67 26.81
C ALA C 55 4.32 -20.31 26.74
N TYR C 56 3.27 -19.49 26.68
CA TYR C 56 1.98 -20.09 26.34
C TYR C 56 2.03 -20.67 24.94
N HIS C 57 2.55 -19.91 23.96
CA HIS C 57 2.45 -20.36 22.57
C HIS C 57 3.58 -21.29 22.13
N PHE C 58 4.78 -21.14 22.68
CA PHE C 58 5.85 -22.09 22.36
C PHE C 58 6.25 -22.86 23.62
N LYS C 59 5.67 -24.05 23.82
CA LYS C 59 5.65 -24.60 25.18
C LYS C 59 7.06 -24.98 25.65
N GLY C 60 7.75 -25.86 24.94
CA GLY C 60 9.08 -26.19 25.40
C GLY C 60 10.21 -25.39 24.77
N ALA C 61 10.84 -24.46 25.49
CA ALA C 61 11.79 -23.57 24.82
C ALA C 61 13.04 -23.37 25.67
N SER C 62 14.04 -22.74 25.09
CA SER C 62 15.26 -22.40 25.81
C SER C 62 15.31 -20.90 26.05
N ILE C 63 16.16 -20.50 26.99
CA ILE C 63 16.32 -19.09 27.30
C ILE C 63 16.67 -18.31 26.04
N SER C 64 17.57 -18.86 25.21
CA SER C 64 17.95 -18.21 23.96
C SER C 64 16.75 -18.04 23.03
N GLU C 65 15.88 -19.03 22.99
CA GLU C 65 14.73 -18.90 22.13
C GLU C 65 13.85 -17.74 22.58
N ILE C 66 13.44 -17.73 23.85
CA ILE C 66 12.62 -16.63 24.31
C ILE C 66 13.37 -15.31 24.25
N ALA C 67 14.69 -15.32 24.10
CA ALA C 67 15.41 -14.07 23.88
C ALA C 67 15.50 -13.73 22.41
N LYS C 68 15.13 -14.65 21.53
CA LYS C 68 14.92 -14.24 20.15
C LYS C 68 13.51 -13.73 19.97
N PHE C 69 12.50 -14.51 20.38
CA PHE C 69 11.10 -14.17 20.09
C PHE C 69 10.64 -12.93 20.84
N GLY C 70 10.91 -12.84 22.13
CA GLY C 70 10.82 -11.57 22.80
C GLY C 70 12.14 -10.87 22.51
N VAL C 71 12.05 -9.61 22.11
CA VAL C 71 13.24 -8.85 21.72
C VAL C 71 14.08 -8.41 22.91
N MET C 72 15.04 -9.25 23.29
CA MET C 72 15.86 -8.99 24.46
C MET C 72 17.08 -9.87 24.40
N HIS C 73 18.06 -9.53 25.24
CA HIS C 73 19.34 -10.22 25.39
C HIS C 73 19.16 -11.48 26.22
N VAL C 74 20.19 -12.32 26.24
CA VAL C 74 20.04 -13.61 26.93
C VAL C 74 19.99 -13.37 28.44
N SER C 75 20.88 -12.48 28.90
CA SER C 75 20.94 -12.15 30.31
C SER C 75 19.57 -11.80 30.84
N THR C 76 18.86 -10.89 30.16
CA THR C 76 17.57 -10.42 30.63
C THR C 76 16.57 -11.56 30.73
N ALA C 77 16.62 -12.47 29.77
CA ALA C 77 15.69 -13.58 29.78
C ALA C 77 15.91 -14.47 30.99
N PHE C 78 17.18 -14.85 31.24
CA PHE C 78 17.47 -15.74 32.39
C PHE C 78 17.07 -15.07 33.70
N ASN C 79 17.45 -13.81 33.89
CA ASN C 79 17.14 -13.15 35.15
C ASN C 79 15.63 -13.05 35.39
N PHE C 80 14.87 -12.52 34.39
CA PHE C 80 13.45 -12.22 34.61
C PHE C 80 12.66 -13.50 34.76
N SER C 81 13.13 -14.56 34.12
CA SER C 81 12.53 -15.86 34.30
C SER C 81 12.76 -16.40 35.70
N LYS C 82 14.00 -16.32 36.20
CA LYS C 82 14.28 -16.71 37.59
C LYS C 82 13.36 -16.01 38.59
N LYS C 83 13.29 -14.67 38.51
CA LYS C 83 12.32 -13.96 39.35
C LYS C 83 10.93 -14.55 39.22
N LEU C 84 10.51 -14.90 37.99
CA LEU C 84 9.18 -15.50 37.84
C LEU C 84 9.09 -16.91 38.44
N GLU C 85 10.19 -17.66 38.51
CA GLU C 85 10.13 -18.92 39.25
C GLU C 85 9.81 -18.63 40.71
N GLU C 86 10.51 -17.64 41.26
CA GLU C 86 10.29 -17.29 42.65
C GLU C 86 8.84 -16.94 42.90
N LYS C 87 8.25 -16.12 42.05
CA LYS C 87 6.84 -15.81 42.20
C LYS C 87 5.94 -17.01 41.94
N GLY C 88 6.48 -18.09 41.36
CA GLY C 88 5.74 -19.33 41.20
C GLY C 88 5.01 -19.48 39.89
N LEU C 89 5.17 -18.52 38.96
CA LEU C 89 4.47 -18.55 37.68
C LEU C 89 5.10 -19.51 36.67
N LEU C 90 6.41 -19.75 36.76
CA LEU C 90 7.09 -20.59 35.77
C LEU C 90 7.88 -21.70 36.42
N SER C 91 8.28 -22.70 35.62
CA SER C 91 9.02 -23.86 36.09
C SER C 91 10.05 -24.34 35.07
N PHE C 92 11.27 -24.57 35.59
CA PHE C 92 12.48 -24.89 34.83
C PHE C 92 12.71 -26.39 34.74
N SER C 93 13.23 -26.83 33.61
CA SER C 93 13.50 -28.23 33.33
C SER C 93 14.87 -28.33 32.69
N LYS C 94 15.31 -29.57 32.53
CA LYS C 94 16.52 -29.87 31.79
C LYS C 94 16.40 -31.26 31.20
N LYS C 95 17.30 -31.57 30.30
CA LYS C 95 17.15 -32.75 29.46
C LYS C 95 18.47 -33.49 29.38
N GLN C 96 18.41 -34.82 29.28
CA GLN C 96 19.64 -35.61 29.36
C GLN C 96 20.48 -35.47 28.11
N ASP C 97 19.86 -35.47 26.93
CA ASP C 97 20.65 -35.53 25.70
C ASP C 97 21.67 -34.40 25.66
N ASP C 98 21.25 -33.18 25.98
CA ASP C 98 22.18 -32.09 26.11
C ASP C 98 21.84 -31.28 27.36
N LYS C 99 22.72 -31.34 28.35
CA LYS C 99 22.40 -30.79 29.64
C LYS C 99 22.71 -29.32 29.78
N ARG C 100 23.29 -28.67 28.77
CA ARG C 100 23.71 -27.29 29.05
C ARG C 100 22.50 -26.36 28.94
N ASN C 101 21.50 -26.78 28.17
CA ASN C 101 20.28 -26.02 27.95
C ASN C 101 19.40 -26.03 29.19
N THR C 102 18.52 -25.05 29.26
CA THR C 102 17.48 -24.97 30.27
C THR C 102 16.14 -24.67 29.61
N TYR C 103 15.12 -25.43 29.97
CA TYR C 103 13.80 -25.31 29.35
C TYR C 103 12.79 -24.73 30.35
N ILE C 104 11.72 -24.13 29.82
CA ILE C 104 10.73 -23.38 30.60
C ILE C 104 9.33 -23.84 30.25
N GLU C 105 8.46 -23.91 31.27
CA GLU C 105 7.03 -24.18 31.09
C GLU C 105 6.23 -23.36 32.10
N LEU C 106 4.94 -23.28 31.85
CA LEU C 106 4.09 -22.33 32.54
C LEU C 106 3.22 -23.07 33.56
N THR C 107 3.30 -22.64 34.82
CA THR C 107 2.45 -23.17 35.87
C THR C 107 0.99 -22.71 35.67
N GLU C 108 0.12 -23.19 36.57
CA GLU C 108 -1.30 -22.87 36.49
C GLU C 108 -1.59 -21.50 37.09
N LYS C 109 -0.72 -21.03 38.00
CA LYS C 109 -0.74 -19.63 38.39
C LYS C 109 -0.42 -18.71 37.23
N GLY C 110 0.61 -19.05 36.44
CA GLY C 110 0.94 -18.26 35.27
C GLY C 110 -0.19 -18.25 34.25
N GLU C 111 -0.68 -19.44 33.88
CA GLU C 111 -1.86 -19.50 33.03
C GLU C 111 -3.00 -18.66 33.61
N GLU C 112 -3.13 -18.62 34.94
CA GLU C 112 -4.18 -17.78 35.53
C GLU C 112 -3.93 -16.31 35.28
N VAL C 113 -2.73 -15.81 35.60
CA VAL C 113 -2.51 -14.37 35.45
C VAL C 113 -2.74 -13.95 34.00
N LEU C 114 -2.41 -14.82 33.06
CA LEU C 114 -2.66 -14.51 31.66
C LEU C 114 -4.16 -14.44 31.38
N MET C 115 -4.92 -15.40 31.92
CA MET C 115 -6.37 -15.42 31.68
C MET C 115 -7.07 -14.23 32.35
N LYS C 116 -6.78 -14.01 33.62
CA LYS C 116 -7.22 -12.82 34.33
C LYS C 116 -6.99 -11.56 33.51
N LEU C 117 -5.78 -11.42 32.95
CA LEU C 117 -5.46 -10.22 32.20
C LEU C 117 -6.31 -10.11 30.94
N MET C 118 -6.58 -11.23 30.26
CA MET C 118 -7.38 -11.15 29.04
C MET C 118 -8.66 -10.35 29.28
N GLU C 119 -9.30 -10.56 30.43
CA GLU C 119 -10.58 -9.93 30.74
C GLU C 119 -10.46 -8.48 31.23
N THR C 120 -9.27 -7.90 31.22
CA THR C 120 -9.10 -6.47 31.38
C THR C 120 -8.75 -5.78 30.08
N TYR C 121 -8.91 -6.45 28.95
CA TYR C 121 -8.57 -5.88 27.65
C TYR C 121 -9.69 -5.01 27.07
N ASP C 122 -9.45 -3.69 27.04
CA ASP C 122 -10.41 -2.73 26.47
C ASP C 122 -9.74 -1.96 25.34
N PRO C 123 -9.87 -2.44 24.10
CA PRO C 123 -9.23 -1.77 22.96
C PRO C 123 -9.46 -0.29 22.86
N THR C 124 -10.59 0.23 23.34
CA THR C 124 -10.86 1.64 23.08
C THR C 124 -9.97 2.55 23.94
N LYS C 125 -9.32 1.99 24.96
CA LYS C 125 -8.40 2.81 25.76
C LYS C 125 -7.10 3.03 25.02
N ASN C 126 -6.50 1.95 24.52
CA ASN C 126 -5.23 2.00 23.80
C ASN C 126 -5.30 2.95 22.61
N ALA C 127 -4.22 3.73 22.38
CA ALA C 127 -4.31 4.89 21.47
C ALA C 127 -3.96 4.54 20.01
N VAL C 128 -3.20 3.47 19.81
CA VAL C 128 -2.94 3.00 18.45
C VAL C 128 -4.20 2.50 17.79
N PHE C 129 -4.93 1.61 18.47
CA PHE C 129 -6.16 1.09 17.91
C PHE C 129 -7.02 2.23 17.39
N ASN C 130 -7.17 3.26 18.22
CA ASN C 130 -7.93 4.47 17.86
C ASN C 130 -7.32 5.15 16.64
N GLY C 131 -6.01 5.05 16.47
CA GLY C 131 -5.39 5.62 15.26
C GLY C 131 -5.67 4.84 13.98
N ALA C 132 -6.00 3.57 14.13
CA ALA C 132 -6.20 2.69 12.99
C ALA C 132 -7.62 2.72 12.47
N LEU C 133 -8.57 3.15 13.33
CA LEU C 133 -10.00 3.05 13.00
C LEU C 133 -10.46 3.76 11.71
N PRO C 134 -10.02 5.00 11.40
CA PRO C 134 -10.30 5.56 10.05
C PRO C 134 -9.99 4.64 8.87
N LEU C 135 -8.80 4.01 8.89
CA LEU C 135 -8.34 3.16 7.81
C LEU C 135 -9.16 1.88 7.73
N ARG C 136 -9.51 1.30 8.86
CA ARG C 136 -10.45 0.19 8.81
C ARG C 136 -11.77 0.61 8.20
N GLU C 137 -12.24 1.83 8.53
CA GLU C 137 -13.49 2.29 7.92
C GLU C 137 -13.36 2.33 6.40
N LEU C 138 -12.25 2.90 5.90
CA LEU C 138 -12.06 3.00 4.45
C LEU C 138 -11.85 1.66 3.77
N TYR C 139 -10.89 0.86 4.24
CA TYR C 139 -10.63 -0.39 3.51
C TYR C 139 -11.76 -1.39 3.76
N GLY C 140 -12.25 -1.44 5.00
CA GLY C 140 -13.21 -2.44 5.41
C GLY C 140 -12.63 -3.50 6.32
N LYS C 141 -11.34 -3.42 6.60
CA LYS C 141 -10.64 -4.38 7.43
C LYS C 141 -9.45 -3.65 8.09
N PHE C 142 -8.83 -4.28 9.09
CA PHE C 142 -7.73 -3.62 9.81
C PHE C 142 -6.45 -3.64 8.98
N PRO C 143 -5.57 -2.64 9.17
CA PRO C 143 -4.38 -2.52 8.31
C PRO C 143 -3.37 -3.65 8.52
N GLU C 144 -2.67 -4.04 7.44
CA GLU C 144 -1.68 -5.10 7.57
C GLU C 144 -0.25 -4.60 7.41
N ILE C 145 -0.08 -3.33 7.02
CA ILE C 145 1.22 -2.66 6.99
C ILE C 145 2.28 -3.56 6.41
N LEU C 146 2.14 -4.00 5.17
CA LEU C 146 3.05 -5.04 4.69
C LEU C 146 4.51 -4.57 4.69
N GLU C 147 4.75 -3.30 4.34
CA GLU C 147 6.10 -2.77 4.23
C GLU C 147 6.92 -2.99 5.49
N MET C 148 6.32 -2.69 6.64
CA MET C 148 6.95 -2.95 7.91
C MET C 148 7.25 -4.44 8.09
N MET C 149 6.31 -5.28 7.63
CA MET C 149 6.52 -6.72 7.80
C MET C 149 7.72 -7.19 7.01
N CYS C 150 7.89 -6.67 5.80
CA CYS C 150 9.05 -7.07 5.01
C CYS C 150 10.33 -6.65 5.69
N ILE C 151 10.44 -5.37 6.07
CA ILE C 151 11.64 -4.95 6.76
C ILE C 151 11.91 -5.89 7.93
N VAL C 152 10.90 -6.11 8.77
CA VAL C 152 11.16 -6.89 9.98
C VAL C 152 11.53 -8.32 9.65
N ARG C 153 11.00 -8.87 8.57
CA ARG C 153 11.39 -10.24 8.23
C ARG C 153 12.84 -10.27 7.76
N ASN C 154 13.24 -9.26 7.00
CA ASN C 154 14.60 -9.13 6.50
C ASN C 154 15.57 -8.77 7.60
N ILE C 155 15.09 -8.37 8.78
CA ILE C 155 15.97 -8.20 9.92
C ILE C 155 15.98 -9.40 10.85
N TYR C 156 14.90 -10.12 11.01
CA TYR C 156 14.87 -11.11 12.08
C TYR C 156 14.77 -12.56 11.59
N GLY C 157 14.61 -12.82 10.29
CA GLY C 157 14.56 -14.16 9.76
C GLY C 157 13.22 -14.83 9.95
N ASP C 158 12.97 -15.91 9.18
CA ASP C 158 11.57 -16.38 9.04
C ASP C 158 11.08 -17.13 10.27
N ASP C 159 11.97 -17.84 10.99
CA ASP C 159 11.60 -18.50 12.24
C ASP C 159 10.92 -17.56 13.19
N PHE C 160 11.55 -16.40 13.42
CA PHE C 160 10.99 -15.41 14.32
C PHE C 160 9.57 -15.08 13.88
N MET C 161 9.34 -14.98 12.58
CA MET C 161 8.02 -14.56 12.11
C MET C 161 6.95 -15.58 12.44
N GLU C 162 7.35 -16.82 12.77
CA GLU C 162 6.36 -17.85 13.11
C GLU C 162 5.51 -17.43 14.30
N ILE C 163 6.04 -16.55 15.17
CA ILE C 163 5.33 -16.15 16.38
C ILE C 163 4.06 -15.41 16.01
N PHE C 164 3.94 -14.89 14.78
CA PHE C 164 2.68 -14.34 14.32
C PHE C 164 1.64 -15.43 14.02
N GLU C 165 2.01 -16.41 13.18
CA GLU C 165 1.04 -17.43 12.78
C GLU C 165 0.48 -18.15 13.98
N ARG C 166 1.37 -18.57 14.88
CA ARG C 166 0.95 -19.27 16.10
C ARG C 166 -0.13 -18.48 16.82
N ALA C 167 0.08 -17.19 17.05
CA ALA C 167 -0.96 -16.40 17.72
C ALA C 167 -2.28 -16.48 16.96
N PHE C 168 -2.27 -16.18 15.65
CA PHE C 168 -3.51 -16.19 14.87
C PHE C 168 -4.24 -17.52 15.02
N GLU C 169 -3.50 -18.62 15.09
CA GLU C 169 -4.15 -19.91 15.24
C GLU C 169 -4.75 -20.07 16.63
N ASN C 170 -3.96 -19.85 17.67
CA ASN C 170 -4.43 -20.19 19.00
C ASN C 170 -5.71 -19.43 19.30
N ILE C 171 -5.70 -18.12 19.06
CA ILE C 171 -6.84 -17.26 19.34
C ILE C 171 -8.10 -17.81 18.68
N LYS C 172 -7.98 -18.35 17.47
CA LYS C 172 -9.15 -18.80 16.72
C LYS C 172 -9.73 -20.10 17.29
N GLU C 173 -8.91 -20.91 17.96
CA GLU C 173 -9.37 -22.20 18.47
C GLU C 173 -9.62 -22.23 19.97
N ASP C 174 -8.67 -21.77 20.78
CA ASP C 174 -8.81 -22.00 22.21
C ASP C 174 -9.78 -21.00 22.85
N PHE C 175 -9.88 -19.79 22.31
CA PHE C 175 -10.74 -18.77 22.89
C PHE C 175 -12.08 -18.67 22.13
N ILE C 176 -13.07 -18.11 22.82
CA ILE C 176 -14.45 -18.00 22.34
C ILE C 176 -15.00 -16.68 22.86
N GLU C 177 -15.93 -16.10 22.10
CA GLU C 177 -16.40 -14.73 22.38
C GLU C 177 -17.83 -14.79 22.91
N GLN C 178 -18.03 -14.28 24.12
CA GLN C 178 -19.37 -14.14 24.69
C GLN C 178 -19.32 -13.04 25.73
N ASP C 179 -20.50 -12.49 26.03
CA ASP C 179 -20.65 -11.47 27.08
C ASP C 179 -19.71 -10.29 26.86
N GLY C 180 -19.49 -9.94 25.59
CA GLY C 180 -18.56 -8.86 25.27
C GLY C 180 -17.17 -9.09 25.81
N LYS C 181 -16.70 -10.34 25.74
CA LYS C 181 -15.43 -10.73 26.33
C LYS C 181 -14.96 -12.00 25.65
N LEU C 182 -13.71 -12.37 25.94
CA LEU C 182 -13.06 -13.56 25.39
C LEU C 182 -12.73 -14.53 26.51
N VAL C 183 -13.22 -15.77 26.40
CA VAL C 183 -13.08 -16.79 27.43
C VAL C 183 -13.02 -18.13 26.73
N LYS C 184 -12.38 -19.08 27.40
CA LYS C 184 -12.12 -20.40 26.83
C LYS C 184 -13.40 -21.12 26.41
N HIS D 7 -18.97 -2.26 12.97
CA HIS D 7 -18.48 -2.77 14.24
C HIS D 7 -17.48 -3.91 14.02
N TYR D 8 -16.66 -4.21 15.04
CA TYR D 8 -15.62 -5.22 14.94
C TYR D 8 -15.87 -6.29 15.99
N SER D 9 -15.21 -7.43 15.83
CA SER D 9 -15.24 -8.40 16.90
C SER D 9 -14.11 -8.06 17.88
N ILE D 10 -14.21 -8.57 19.11
CA ILE D 10 -13.08 -8.40 20.03
C ILE D 10 -11.86 -9.13 19.51
N LYS D 11 -12.08 -10.32 18.94
CA LYS D 11 -10.98 -11.15 18.45
C LYS D 11 -10.10 -10.41 17.43
N GLU D 12 -10.71 -9.70 16.48
CA GLU D 12 -9.93 -8.98 15.49
C GLU D 12 -9.05 -7.91 16.12
N ALA D 13 -9.56 -7.25 17.17
CA ALA D 13 -8.79 -6.23 17.87
C ALA D 13 -7.59 -6.84 18.58
N MET D 14 -7.80 -8.00 19.24
CA MET D 14 -6.66 -8.68 19.86
C MET D 14 -5.60 -9.01 18.82
N LEU D 15 -6.04 -9.46 17.63
CA LEU D 15 -5.09 -9.80 16.56
C LEU D 15 -4.28 -8.59 16.10
N PHE D 16 -4.93 -7.43 15.94
CA PHE D 16 -4.22 -6.22 15.50
C PHE D 16 -3.22 -5.73 16.55
N SER D 17 -3.67 -5.66 17.80
CA SER D 17 -2.77 -5.34 18.90
C SER D 17 -1.51 -6.18 18.86
N GLN D 18 -1.66 -7.49 18.83
CA GLN D 18 -0.44 -8.27 18.91
C GLN D 18 0.44 -8.04 17.68
N ARG D 19 -0.12 -7.95 16.46
CA ARG D 19 0.76 -7.71 15.30
C ARG D 19 1.57 -6.45 15.47
N ILE D 20 0.90 -5.36 15.82
CA ILE D 20 1.54 -4.05 15.83
C ILE D 20 2.48 -3.89 17.03
N ALA D 21 2.15 -4.52 18.17
CA ALA D 21 3.02 -4.39 19.33
C ALA D 21 4.32 -5.15 19.14
N GLN D 22 4.25 -6.34 18.50
CA GLN D 22 5.50 -7.04 18.18
C GLN D 22 6.30 -6.35 17.07
N LEU D 23 5.65 -5.84 16.02
CA LEU D 23 6.42 -5.05 15.08
C LEU D 23 7.13 -3.88 15.77
N SER D 24 6.40 -3.03 16.50
CA SER D 24 7.05 -1.85 17.06
C SER D 24 8.24 -2.23 17.89
N LYS D 25 8.11 -3.25 18.74
CA LYS D 25 9.24 -3.62 19.57
C LYS D 25 10.45 -3.97 18.72
N ALA D 26 10.22 -4.69 17.61
CA ALA D 26 11.37 -5.05 16.79
C ALA D 26 12.04 -3.82 16.20
N LEU D 27 11.27 -2.97 15.55
CA LEU D 27 11.92 -1.85 14.87
C LEU D 27 12.63 -0.89 15.82
N TRP D 28 12.01 -0.53 16.93
CA TRP D 28 12.69 0.38 17.83
C TRP D 28 13.89 -0.28 18.49
N LYS D 29 13.78 -1.55 18.92
CA LYS D 29 14.95 -2.18 19.52
C LYS D 29 16.16 -2.13 18.59
N SER D 30 15.95 -2.42 17.31
CA SER D 30 17.07 -2.55 16.37
C SER D 30 17.71 -1.19 16.05
N ILE D 31 16.87 -0.21 15.65
CA ILE D 31 17.28 1.19 15.48
C ILE D 31 18.02 1.70 16.70
N GLU D 32 17.55 1.35 17.90
CA GLU D 32 18.21 1.79 19.13
C GLU D 32 19.66 1.34 19.15
N LYS D 33 19.90 0.06 18.83
CA LYS D 33 21.26 -0.46 18.97
C LYS D 33 22.23 0.30 18.08
N ASP D 34 21.86 0.51 16.81
CA ASP D 34 22.79 1.23 15.91
C ASP D 34 22.99 2.70 16.29
N TRP D 35 21.91 3.40 16.66
CA TRP D 35 22.01 4.82 17.01
C TRP D 35 22.96 5.05 18.19
N GLN D 36 22.78 4.24 19.24
CA GLN D 36 23.73 4.22 20.34
C GLN D 36 25.17 4.04 19.84
N ARG D 37 25.39 3.03 18.98
CA ARG D 37 26.77 2.80 18.55
C ARG D 37 27.33 4.07 17.95
N TRP D 38 26.63 4.61 16.97
CA TRP D 38 27.14 5.75 16.23
C TRP D 38 27.50 6.91 17.15
N ILE D 39 26.71 7.16 18.20
CA ILE D 39 26.93 8.40 18.95
C ILE D 39 27.77 8.21 20.20
N LYS D 40 28.13 6.98 20.56
CA LYS D 40 28.84 6.76 21.82
C LYS D 40 30.19 7.51 21.97
N PRO D 41 31.01 7.71 20.93
CA PRO D 41 32.31 8.37 21.13
C PRO D 41 32.24 9.78 21.65
N PHE D 42 31.07 10.40 21.67
CA PHE D 42 30.94 11.77 22.13
C PHE D 42 30.28 11.85 23.49
N ASP D 43 30.13 10.71 24.17
CA ASP D 43 29.49 10.64 25.47
C ASP D 43 28.11 11.30 25.43
N LEU D 44 27.28 10.82 24.50
CA LEU D 44 25.98 11.41 24.23
C LEU D 44 24.90 10.35 24.28
N ASN D 45 23.82 10.64 25.02
CA ASN D 45 22.63 9.80 25.08
C ASN D 45 21.77 10.04 23.85
N ILE D 46 21.00 9.02 23.50
CA ILE D 46 20.09 9.11 22.35
C ILE D 46 19.25 10.38 22.47
N ASN D 47 18.69 10.63 23.65
CA ASN D 47 17.78 11.76 23.82
C ASN D 47 18.52 13.09 23.69
N GLU D 48 19.78 13.10 24.10
CA GLU D 48 20.57 14.32 23.97
C GLU D 48 20.81 14.67 22.51
N HIS D 49 21.37 13.72 21.74
CA HIS D 49 21.49 13.95 20.31
C HIS D 49 20.14 14.38 19.71
N HIS D 50 19.04 13.79 20.20
CA HIS D 50 17.73 14.23 19.75
C HIS D 50 17.53 15.72 19.97
N ILE D 51 17.89 16.21 21.16
CA ILE D 51 17.60 17.60 21.50
C ILE D 51 18.44 18.53 20.64
N LEU D 52 19.68 18.13 20.38
CA LEU D 52 20.55 18.94 19.54
C LEU D 52 19.95 19.06 18.15
N TRP D 53 19.49 17.95 17.62
CA TRP D 53 18.94 18.00 16.28
C TRP D 53 17.74 18.93 16.23
N ILE D 54 16.80 18.75 17.18
CA ILE D 54 15.60 19.60 17.23
C ILE D 54 16.01 21.06 17.20
N ALA D 55 16.99 21.43 18.04
CA ALA D 55 17.43 22.82 18.07
C ALA D 55 17.96 23.28 16.73
N TYR D 56 18.57 22.38 15.95
CA TYR D 56 19.01 22.85 14.64
C TYR D 56 17.80 23.22 13.78
N HIS D 57 16.82 22.32 13.69
CA HIS D 57 15.71 22.55 12.76
C HIS D 57 14.69 23.58 13.28
N PHE D 58 14.40 23.58 14.58
CA PHE D 58 13.43 24.50 15.16
C PHE D 58 14.15 25.39 16.15
N LYS D 59 14.47 26.61 15.74
CA LYS D 59 15.21 27.51 16.64
C LYS D 59 14.25 28.30 17.52
N GLY D 60 14.76 28.60 18.73
CA GLY D 60 14.00 29.32 19.73
C GLY D 60 12.81 28.55 20.24
N ALA D 61 13.05 27.29 20.56
CA ALA D 61 11.99 26.37 20.91
C ALA D 61 11.96 26.13 22.42
N SER D 62 10.76 26.07 22.98
CA SER D 62 10.59 25.85 24.40
C SER D 62 10.90 24.40 24.77
N ILE D 63 11.03 24.14 26.07
CA ILE D 63 11.28 22.79 26.55
C ILE D 63 10.09 21.87 26.26
N SER D 64 8.87 22.45 26.22
CA SER D 64 7.69 21.66 25.86
C SER D 64 7.71 21.31 24.38
N GLU D 65 8.26 22.18 23.55
CA GLU D 65 8.42 21.86 22.15
C GLU D 65 9.47 20.79 21.95
N ILE D 66 10.62 20.96 22.58
CA ILE D 66 11.66 19.94 22.52
C ILE D 66 11.13 18.60 22.98
N ALA D 67 10.36 18.57 24.05
CA ALA D 67 9.87 17.28 24.48
C ALA D 67 8.77 16.78 23.56
N LYS D 68 8.01 17.68 22.96
CA LYS D 68 6.98 17.19 22.06
C LYS D 68 7.59 16.53 20.84
N PHE D 69 8.49 17.22 20.15
CA PHE D 69 9.04 16.65 18.93
C PHE D 69 9.93 15.45 19.23
N GLY D 70 10.94 15.60 20.07
CA GLY D 70 11.61 14.41 20.55
C GLY D 70 10.81 13.75 21.65
N VAL D 71 10.10 12.67 21.38
CA VAL D 71 9.24 12.01 22.36
C VAL D 71 9.91 11.88 23.73
N MET D 72 9.42 12.58 24.75
CA MET D 72 10.01 12.54 26.09
C MET D 72 9.27 13.50 27.01
N HIS D 73 9.37 13.21 28.31
CA HIS D 73 8.71 13.98 29.34
C HIS D 73 9.39 15.34 29.50
N VAL D 74 8.62 16.32 29.98
CA VAL D 74 9.16 17.67 30.15
C VAL D 74 10.44 17.62 30.98
N SER D 75 10.43 16.81 32.03
CA SER D 75 11.55 16.70 32.95
C SER D 75 12.78 16.09 32.28
N THR D 76 12.60 15.11 31.39
CA THR D 76 13.76 14.55 30.69
C THR D 76 14.42 15.62 29.83
N ALA D 77 13.60 16.43 29.15
CA ALA D 77 14.10 17.50 28.30
C ALA D 77 14.85 18.54 29.12
N PHE D 78 14.25 19.01 30.21
CA PHE D 78 14.90 20.04 31.00
C PHE D 78 16.19 19.53 31.63
N ASN D 79 16.09 18.44 32.39
CA ASN D 79 17.27 17.91 33.05
C ASN D 79 18.43 17.76 32.06
N PHE D 80 18.21 17.03 30.96
CA PHE D 80 19.30 16.77 30.03
C PHE D 80 19.85 18.06 29.42
N SER D 81 18.97 19.01 29.11
CA SER D 81 19.44 20.26 28.53
C SER D 81 20.37 21.00 29.49
N LYS D 82 20.08 20.94 30.79
CA LYS D 82 20.98 21.57 31.76
C LYS D 82 22.41 21.09 31.55
N LYS D 83 22.59 19.77 31.54
CA LYS D 83 23.91 19.20 31.29
C LYS D 83 24.49 19.68 29.97
N LEU D 84 23.66 19.89 28.95
CA LEU D 84 24.22 20.27 27.64
C LEU D 84 24.60 21.75 27.55
N GLU D 85 24.05 22.57 28.45
CA GLU D 85 24.55 23.95 28.58
C GLU D 85 25.80 23.99 29.45
N GLU D 86 25.92 23.06 30.40
CA GLU D 86 27.17 22.95 31.15
C GLU D 86 28.34 22.60 30.23
N LYS D 87 28.23 21.50 29.47
CA LYS D 87 29.23 21.18 28.47
C LYS D 87 29.46 22.28 27.43
N GLY D 88 28.65 23.34 27.43
CA GLY D 88 28.82 24.42 26.49
C GLY D 88 28.24 24.19 25.11
N LEU D 89 27.34 23.22 24.95
CA LEU D 89 26.79 22.98 23.62
C LEU D 89 25.65 23.93 23.27
N LEU D 90 24.83 24.31 24.24
CA LEU D 90 23.59 25.05 24.01
C LEU D 90 23.53 26.25 24.92
N SER D 91 22.62 27.17 24.62
CA SER D 91 22.43 28.37 25.43
C SER D 91 20.96 28.56 25.79
N PHE D 92 20.75 28.91 27.06
CA PHE D 92 19.44 29.12 27.66
C PHE D 92 19.08 30.61 27.58
N SER D 93 17.84 30.92 27.20
CA SER D 93 17.43 32.30 26.98
C SER D 93 15.98 32.48 27.42
N LYS D 94 15.64 33.65 27.99
CA LYS D 94 14.29 33.80 28.53
C LYS D 94 13.68 35.11 28.04
N LYS D 95 12.39 35.09 27.74
CA LYS D 95 11.80 36.23 27.05
C LYS D 95 11.37 37.31 28.02
N GLN D 96 10.92 38.44 27.48
CA GLN D 96 10.39 39.59 28.22
C GLN D 96 8.88 39.55 28.38
N ASP D 97 8.22 38.62 27.72
CA ASP D 97 6.81 38.35 27.88
C ASP D 97 6.67 36.87 28.21
N ASP D 98 5.88 36.57 29.24
CA ASP D 98 5.81 35.22 29.80
C ASP D 98 7.20 34.75 30.21
N LYS D 99 7.70 35.38 31.27
CA LYS D 99 8.95 34.96 31.87
C LYS D 99 8.91 33.50 32.33
N ARG D 100 7.77 32.82 32.17
CA ARG D 100 7.69 31.40 32.55
C ARG D 100 8.47 30.51 31.61
N ASN D 101 8.54 30.89 30.34
CA ASN D 101 9.08 30.03 29.31
C ASN D 101 10.58 30.20 29.19
N THR D 102 11.28 29.08 29.06
CA THR D 102 12.72 29.02 28.82
C THR D 102 12.95 28.48 27.41
N TYR D 103 13.63 29.26 26.58
CA TYR D 103 13.91 28.97 25.17
C TYR D 103 15.35 28.51 25.00
N ILE D 104 15.60 27.76 23.95
CA ILE D 104 16.90 27.15 23.73
C ILE D 104 17.46 27.58 22.38
N GLU D 105 18.77 27.76 22.32
CA GLU D 105 19.46 27.91 21.05
C GLU D 105 20.73 27.07 21.11
N LEU D 106 21.46 27.04 20.01
CA LEU D 106 22.61 26.15 19.88
C LEU D 106 23.87 26.92 19.53
N THR D 107 24.92 26.67 20.29
CA THR D 107 26.22 27.30 20.22
C THR D 107 27.03 26.73 19.06
N GLU D 108 28.18 27.35 18.79
CA GLU D 108 29.02 26.87 17.68
C GLU D 108 29.72 25.57 18.05
N LYS D 109 29.90 25.30 19.35
CA LYS D 109 30.45 24.02 19.76
C LYS D 109 29.49 22.88 19.40
N GLY D 110 28.20 23.05 19.76
CA GLY D 110 27.22 22.03 19.43
C GLY D 110 27.03 21.85 17.93
N GLU D 111 27.00 22.96 17.20
CA GLU D 111 26.97 22.81 15.75
C GLU D 111 28.19 22.04 15.25
N GLU D 112 29.36 22.23 15.89
CA GLU D 112 30.55 21.48 15.47
C GLU D 112 30.37 19.99 15.67
N VAL D 113 29.90 19.60 16.85
CA VAL D 113 29.74 18.17 17.09
C VAL D 113 28.71 17.57 16.13
N LEU D 114 27.62 18.30 15.81
CA LEU D 114 26.59 17.72 14.94
C LEU D 114 27.12 17.55 13.53
N MET D 115 27.82 18.56 13.04
CA MET D 115 28.42 18.47 11.72
C MET D 115 29.36 17.27 11.65
N LYS D 116 30.22 17.14 12.66
CA LYS D 116 31.27 16.12 12.69
C LYS D 116 30.66 14.72 12.73
N LEU D 117 29.61 14.52 13.53
CA LEU D 117 28.85 13.27 13.48
C LEU D 117 28.40 12.96 12.07
N MET D 118 27.72 13.92 11.43
CA MET D 118 27.25 13.71 10.05
C MET D 118 28.36 13.27 9.12
N GLU D 119 29.61 13.64 9.43
CA GLU D 119 30.69 13.08 8.61
C GLU D 119 30.91 11.60 8.85
N THR D 120 30.41 11.04 9.95
CA THR D 120 30.62 9.64 10.25
C THR D 120 29.44 8.75 9.92
N TYR D 121 28.39 9.26 9.29
CA TYR D 121 27.21 8.45 8.96
C TYR D 121 27.55 7.41 7.87
N ASP D 122 27.20 6.14 8.10
CA ASP D 122 27.42 5.08 7.09
C ASP D 122 26.14 4.27 6.99
N PRO D 123 25.46 4.27 5.86
CA PRO D 123 24.15 3.60 5.77
C PRO D 123 24.16 2.07 5.85
N THR D 124 25.29 1.41 5.57
CA THR D 124 25.26 -0.05 5.46
C THR D 124 25.34 -0.71 6.84
N LYS D 125 25.93 -0.02 7.82
CA LYS D 125 25.98 -0.63 9.14
C LYS D 125 24.62 -0.64 9.80
N ASN D 126 23.71 0.18 9.29
CA ASN D 126 22.36 0.26 9.82
C ASN D 126 21.51 -0.87 9.26
N ALA D 127 21.01 -1.73 10.14
CA ALA D 127 20.37 -2.96 9.69
C ALA D 127 19.02 -2.70 9.08
N VAL D 128 18.30 -1.68 9.56
CA VAL D 128 17.04 -1.26 8.94
C VAL D 128 17.29 -0.67 7.57
N PHE D 129 18.44 -0.07 7.34
CA PHE D 129 18.74 0.37 5.99
C PHE D 129 18.79 -0.82 5.05
N ASN D 130 19.67 -1.79 5.29
CA ASN D 130 19.73 -2.98 4.45
C ASN D 130 18.39 -3.69 4.41
N GLY D 131 17.57 -3.53 5.45
CA GLY D 131 16.32 -4.28 5.52
C GLY D 131 15.31 -3.86 4.46
N ALA D 132 15.55 -2.71 3.80
CA ALA D 132 14.63 -2.01 2.89
C ALA D 132 14.99 -2.16 1.42
N LEU D 133 16.28 -2.31 1.14
CA LEU D 133 16.84 -2.40 -0.21
C LEU D 133 16.09 -3.33 -1.14
N PRO D 134 15.56 -4.48 -0.68
CA PRO D 134 14.64 -5.26 -1.52
C PRO D 134 13.51 -4.45 -2.11
N LEU D 135 12.89 -3.60 -1.29
CA LEU D 135 11.66 -2.93 -1.71
C LEU D 135 11.99 -1.62 -2.41
N ARG D 136 13.18 -1.08 -2.17
CA ARG D 136 13.64 0.02 -3.02
C ARG D 136 13.88 -0.45 -4.45
N GLU D 137 14.48 -1.64 -4.63
CA GLU D 137 14.70 -2.08 -6.01
C GLU D 137 13.36 -2.22 -6.76
N LEU D 138 12.37 -2.92 -6.18
CA LEU D 138 11.11 -3.14 -6.89
C LEU D 138 10.34 -1.85 -7.09
N TYR D 139 10.18 -1.06 -6.02
CA TYR D 139 9.41 0.18 -6.16
C TYR D 139 10.15 1.19 -7.04
N GLY D 140 11.48 1.22 -6.95
CA GLY D 140 12.26 2.25 -7.58
C GLY D 140 12.48 3.47 -6.72
N LYS D 141 11.93 3.49 -5.49
CA LYS D 141 12.13 4.54 -4.48
C LYS D 141 11.95 3.92 -3.11
N PHE D 142 12.51 4.57 -2.08
CA PHE D 142 12.48 4.02 -0.72
C PHE D 142 11.05 4.05 -0.17
N PRO D 143 10.65 3.06 0.64
CA PRO D 143 9.23 2.99 1.08
C PRO D 143 8.75 4.15 1.94
N GLU D 144 7.44 4.46 1.81
CA GLU D 144 6.85 5.62 2.49
C GLU D 144 5.88 5.27 3.58
N ILE D 145 5.56 3.99 3.78
CA ILE D 145 4.77 3.47 4.90
C ILE D 145 3.65 4.42 5.27
N LEU D 146 2.82 4.80 4.30
CA LEU D 146 1.78 5.78 4.59
C LEU D 146 0.93 5.34 5.77
N GLU D 147 0.68 4.02 5.90
CA GLU D 147 -0.14 3.52 6.99
C GLU D 147 0.41 3.95 8.33
N MET D 148 1.66 3.60 8.62
CA MET D 148 2.29 3.97 9.88
C MET D 148 2.21 5.46 10.12
N MET D 149 2.53 6.26 9.10
CA MET D 149 2.44 7.71 9.19
C MET D 149 1.03 8.16 9.53
N CYS D 150 0.02 7.54 8.93
CA CYS D 150 -1.34 7.86 9.34
C CYS D 150 -1.48 7.72 10.84
N ILE D 151 -1.10 6.54 11.35
CA ILE D 151 -1.41 6.22 12.74
C ILE D 151 -0.71 7.19 13.67
N VAL D 152 0.58 7.49 13.37
CA VAL D 152 1.37 8.44 14.15
C VAL D 152 0.79 9.83 14.13
N ARG D 153 0.28 10.27 12.98
CA ARG D 153 -0.24 11.61 12.91
C ARG D 153 -1.53 11.77 13.69
N ASN D 154 -2.41 10.78 13.59
CA ASN D 154 -3.68 10.76 14.31
C ASN D 154 -3.49 10.52 15.79
N ILE D 155 -2.31 10.07 16.22
CA ILE D 155 -2.02 10.06 17.64
C ILE D 155 -1.40 11.38 18.11
N TYR D 156 -0.48 11.94 17.36
CA TYR D 156 0.29 13.09 17.81
C TYR D 156 -0.14 14.44 17.23
N GLY D 157 -1.00 14.48 16.20
CA GLY D 157 -1.49 15.72 15.63
C GLY D 157 -0.56 16.36 14.59
N ASP D 158 -1.16 17.09 13.63
CA ASP D 158 -0.43 17.61 12.45
C ASP D 158 0.63 18.63 12.80
N ASP D 159 0.54 19.25 13.98
CA ASP D 159 1.62 20.13 14.37
C ASP D 159 2.91 19.33 14.57
N PHE D 160 2.79 18.14 15.16
CA PHE D 160 3.97 17.32 15.43
C PHE D 160 4.68 17.01 14.14
N MET D 161 3.93 16.54 13.17
CA MET D 161 4.43 16.12 11.89
C MET D 161 5.13 17.22 11.13
N GLU D 162 4.96 18.48 11.51
CA GLU D 162 5.79 19.49 10.89
C GLU D 162 7.24 19.05 10.85
N ILE D 163 7.71 18.35 11.89
CA ILE D 163 9.12 18.00 12.01
C ILE D 163 9.61 17.37 10.72
N PHE D 164 8.89 16.35 10.22
CA PHE D 164 9.31 15.67 9.00
C PHE D 164 9.54 16.65 7.86
N GLU D 165 8.50 17.39 7.47
CA GLU D 165 8.67 18.38 6.41
C GLU D 165 9.93 19.17 6.61
N ARG D 166 10.09 19.77 7.80
CA ARG D 166 11.22 20.64 8.02
C ARG D 166 12.52 19.87 7.81
N ALA D 167 12.62 18.66 8.40
CA ALA D 167 13.80 17.81 8.22
C ALA D 167 14.12 17.57 6.77
N PHE D 168 13.09 17.40 5.94
CA PHE D 168 13.30 17.22 4.52
C PHE D 168 13.96 18.47 3.95
N GLU D 169 13.25 19.60 4.02
CA GLU D 169 13.70 20.81 3.34
C GLU D 169 15.09 21.25 3.79
N ASN D 170 15.29 21.49 5.10
CA ASN D 170 16.64 21.80 5.61
C ASN D 170 17.70 20.95 4.93
N ILE D 171 17.57 19.62 5.01
CA ILE D 171 18.65 18.73 4.55
C ILE D 171 18.89 18.87 3.04
N LYS D 172 17.84 19.08 2.24
CA LYS D 172 18.09 19.21 0.80
C LYS D 172 18.84 20.53 0.48
N GLU D 173 18.55 21.60 1.23
CA GLU D 173 19.12 22.89 0.86
C GLU D 173 20.54 23.07 1.40
N ASP D 174 20.81 22.72 2.64
CA ASP D 174 22.06 23.15 3.24
C ASP D 174 23.14 22.08 3.28
N PHE D 175 22.96 20.97 2.55
CA PHE D 175 23.94 19.89 2.56
C PHE D 175 24.19 19.42 1.13
N ILE D 176 25.46 19.29 0.78
CA ILE D 176 25.95 18.77 -0.49
C ILE D 176 26.89 17.60 -0.17
N GLU D 177 27.09 16.73 -1.14
CA GLU D 177 27.86 15.52 -0.93
C GLU D 177 29.25 15.69 -1.54
N GLN D 178 30.27 15.69 -0.69
CA GLN D 178 31.65 15.81 -1.12
C GLN D 178 32.47 14.62 -0.63
N ASP D 179 33.16 13.96 -1.55
CA ASP D 179 33.93 12.73 -1.35
C ASP D 179 33.07 11.55 -0.91
N GLY D 180 31.77 11.61 -1.10
CA GLY D 180 30.87 10.61 -0.56
C GLY D 180 30.43 10.85 0.88
N LYS D 181 30.80 11.97 1.49
CA LYS D 181 30.29 12.32 2.82
C LYS D 181 29.62 13.68 2.73
N LEU D 182 28.51 13.85 3.43
CA LEU D 182 27.77 15.12 3.34
C LEU D 182 28.46 16.21 4.16
N VAL D 183 28.47 17.41 3.62
CA VAL D 183 29.05 18.58 4.28
C VAL D 183 28.20 19.75 3.82
N LYS D 184 28.31 20.88 4.53
CA LYS D 184 27.49 22.06 4.22
C LYS D 184 27.55 22.40 2.74
N HIS E 7 4.66 -22.39 -3.76
CA HIS E 7 4.01 -22.38 -5.06
C HIS E 7 2.53 -22.07 -4.84
N TYR E 8 1.74 -22.03 -5.90
CA TYR E 8 0.36 -21.56 -5.83
C TYR E 8 -0.59 -22.69 -6.14
N SER E 9 -1.68 -22.78 -5.38
CA SER E 9 -2.76 -23.68 -5.74
C SER E 9 -3.56 -23.09 -6.89
N ILE E 10 -4.28 -23.93 -7.64
CA ILE E 10 -5.10 -23.42 -8.76
C ILE E 10 -6.16 -22.45 -8.27
N LYS E 11 -6.75 -22.72 -7.11
CA LYS E 11 -7.75 -21.83 -6.55
C LYS E 11 -7.23 -20.39 -6.42
N GLU E 12 -6.03 -20.21 -5.87
CA GLU E 12 -5.48 -18.86 -5.67
C GLU E 12 -5.32 -18.12 -7.00
N ALA E 13 -4.79 -18.81 -8.02
CA ALA E 13 -4.66 -18.20 -9.34
C ALA E 13 -6.02 -17.80 -9.91
N MET E 14 -7.01 -18.68 -9.79
CA MET E 14 -8.33 -18.39 -10.32
C MET E 14 -8.94 -17.17 -9.63
N LEU E 15 -8.80 -17.08 -8.31
CA LEU E 15 -9.41 -15.98 -7.58
C LEU E 15 -8.73 -14.65 -7.91
N PHE E 16 -7.40 -14.67 -8.08
CA PHE E 16 -6.71 -13.43 -8.42
C PHE E 16 -7.12 -12.94 -9.81
N SER E 17 -7.22 -13.87 -10.76
CA SER E 17 -7.63 -13.47 -12.11
C SER E 17 -9.04 -12.93 -12.14
N GLN E 18 -9.98 -13.54 -11.42
CA GLN E 18 -11.30 -12.95 -11.51
C GLN E 18 -11.35 -11.57 -10.87
N ARG E 19 -10.60 -11.32 -9.80
CA ARG E 19 -10.65 -9.97 -9.25
C ARG E 19 -10.09 -8.96 -10.23
N ILE E 20 -8.90 -9.25 -10.76
CA ILE E 20 -8.19 -8.27 -11.57
C ILE E 20 -8.86 -8.12 -12.93
N ALA E 21 -9.49 -9.19 -13.44
CA ALA E 21 -10.33 -9.08 -14.63
C ALA E 21 -11.46 -8.06 -14.44
N GLN E 22 -12.34 -8.29 -13.44
CA GLN E 22 -13.46 -7.36 -13.22
C GLN E 22 -13.00 -5.94 -12.86
N LEU E 23 -11.96 -5.78 -12.03
CA LEU E 23 -11.50 -4.42 -11.72
C LEU E 23 -11.00 -3.68 -12.96
N SER E 24 -10.13 -4.30 -13.78
CA SER E 24 -9.70 -3.58 -14.97
C SER E 24 -10.88 -3.16 -15.82
N LYS E 25 -11.86 -4.06 -15.94
CA LYS E 25 -12.96 -3.78 -16.85
C LYS E 25 -13.78 -2.58 -16.37
N ALA E 26 -14.16 -2.60 -15.08
CA ALA E 26 -14.94 -1.51 -14.49
C ALA E 26 -14.23 -0.16 -14.65
N LEU E 27 -12.99 -0.09 -14.21
CA LEU E 27 -12.28 1.17 -14.29
C LEU E 27 -12.24 1.71 -15.71
N TRP E 28 -11.86 0.85 -16.67
CA TRP E 28 -11.73 1.27 -18.05
C TRP E 28 -13.05 1.75 -18.64
N LYS E 29 -14.16 1.10 -18.25
CA LYS E 29 -15.42 1.54 -18.85
C LYS E 29 -15.77 2.95 -18.39
N SER E 30 -15.55 3.27 -17.11
CA SER E 30 -15.92 4.63 -16.68
C SER E 30 -15.04 5.68 -17.37
N ILE E 31 -13.73 5.41 -17.41
CA ILE E 31 -12.77 6.24 -18.15
C ILE E 31 -13.23 6.46 -19.60
N GLU E 32 -13.66 5.39 -20.28
CA GLU E 32 -14.13 5.51 -21.66
C GLU E 32 -15.28 6.51 -21.78
N LYS E 33 -16.40 6.25 -21.09
CA LYS E 33 -17.53 7.17 -21.17
C LYS E 33 -17.12 8.64 -21.01
N ASP E 34 -16.31 8.94 -19.98
CA ASP E 34 -16.02 10.35 -19.70
C ASP E 34 -15.17 10.95 -20.81
N TRP E 35 -14.15 10.21 -21.26
CA TRP E 35 -13.26 10.64 -22.33
C TRP E 35 -14.05 10.97 -23.59
N GLN E 36 -15.03 10.13 -23.90
CA GLN E 36 -15.86 10.33 -25.09
C GLN E 36 -16.72 11.58 -24.99
N ARG E 37 -17.43 11.79 -23.85
CA ARG E 37 -18.18 13.04 -23.75
C ARG E 37 -17.28 14.22 -24.00
N TRP E 38 -16.08 14.18 -23.45
CA TRP E 38 -15.22 15.35 -23.57
C TRP E 38 -14.90 15.60 -25.04
N ILE E 39 -14.48 14.55 -25.76
CA ILE E 39 -13.95 14.69 -27.12
C ILE E 39 -15.01 14.56 -28.22
N LYS E 40 -16.31 14.53 -27.88
CA LYS E 40 -17.34 14.40 -28.92
C LYS E 40 -17.53 15.66 -29.76
N PRO E 41 -17.53 16.88 -29.23
CA PRO E 41 -17.11 18.02 -30.05
C PRO E 41 -15.78 17.75 -30.68
N PHE E 42 -15.50 18.47 -31.76
CA PHE E 42 -14.27 18.38 -32.54
C PHE E 42 -14.27 17.14 -33.41
N ASP E 43 -15.29 16.28 -33.34
CA ASP E 43 -15.37 15.05 -34.13
C ASP E 43 -14.08 14.22 -34.07
N LEU E 44 -13.77 13.72 -32.88
CA LEU E 44 -12.57 12.94 -32.63
C LEU E 44 -12.95 11.66 -31.92
N ASN E 45 -12.37 10.53 -32.35
CA ASN E 45 -12.41 9.31 -31.56
C ASN E 45 -11.26 9.21 -30.54
N ILE E 46 -11.44 8.36 -29.51
CA ILE E 46 -10.52 8.30 -28.38
C ILE E 46 -9.09 7.99 -28.86
N ASN E 47 -8.97 7.07 -29.81
CA ASN E 47 -7.65 6.77 -30.35
C ASN E 47 -7.06 7.94 -31.13
N GLU E 48 -7.91 8.74 -31.78
CA GLU E 48 -7.43 9.95 -32.48
C GLU E 48 -6.77 10.92 -31.51
N HIS E 49 -7.51 11.31 -30.47
CA HIS E 49 -6.94 12.16 -29.45
C HIS E 49 -5.67 11.56 -28.87
N HIS E 50 -5.69 10.25 -28.54
CA HIS E 50 -4.47 9.64 -28.05
C HIS E 50 -3.30 9.89 -28.99
N ILE E 51 -3.55 9.82 -30.30
CA ILE E 51 -2.50 9.94 -31.31
C ILE E 51 -1.87 11.33 -31.25
N LEU E 52 -2.72 12.35 -31.25
CA LEU E 52 -2.16 13.70 -31.20
C LEU E 52 -1.33 13.89 -29.94
N TRP E 53 -1.85 13.41 -28.80
CA TRP E 53 -1.16 13.62 -27.53
C TRP E 53 0.23 13.04 -27.57
N ILE E 54 0.32 11.78 -28.05
CA ILE E 54 1.62 11.13 -28.22
C ILE E 54 2.54 12.02 -29.06
N ALA E 55 2.04 12.51 -30.20
CA ALA E 55 2.89 13.32 -31.07
C ALA E 55 3.39 14.59 -30.37
N TYR E 56 2.57 15.20 -29.51
CA TYR E 56 3.07 16.37 -28.77
C TYR E 56 4.27 15.98 -27.93
N HIS E 57 4.16 14.90 -27.14
CA HIS E 57 5.26 14.58 -26.23
C HIS E 57 6.44 13.91 -26.93
N PHE E 58 6.22 13.21 -28.04
CA PHE E 58 7.31 12.62 -28.80
C PHE E 58 7.25 13.11 -30.24
N LYS E 59 8.31 13.76 -30.70
CA LYS E 59 8.30 14.28 -32.06
C LYS E 59 9.10 13.43 -33.00
N GLY E 60 8.53 13.19 -34.18
CA GLY E 60 9.10 12.36 -35.20
C GLY E 60 8.88 10.88 -35.02
N ALA E 61 7.97 10.47 -34.15
CA ALA E 61 7.72 9.07 -33.88
C ALA E 61 7.28 8.31 -35.15
N SER E 62 7.53 7.00 -35.13
CA SER E 62 7.07 6.03 -36.11
C SER E 62 5.61 5.65 -35.80
N ILE E 63 4.88 5.21 -36.83
CA ILE E 63 3.55 4.64 -36.60
C ILE E 63 3.60 3.52 -35.54
N SER E 64 4.58 2.62 -35.66
CA SER E 64 4.70 1.49 -34.72
C SER E 64 5.03 1.94 -33.30
N GLU E 65 6.00 2.85 -33.17
CA GLU E 65 6.23 3.54 -31.90
C GLU E 65 4.95 4.11 -31.34
N ILE E 66 4.19 4.80 -32.20
CA ILE E 66 2.90 5.32 -31.81
C ILE E 66 2.06 4.22 -31.21
N ALA E 67 1.82 3.15 -31.98
CA ALA E 67 1.06 2.02 -31.47
C ALA E 67 1.55 1.58 -30.10
N LYS E 68 2.87 1.51 -29.89
CA LYS E 68 3.39 1.02 -28.61
C LYS E 68 2.91 1.93 -27.47
N PHE E 69 3.13 3.22 -27.59
CA PHE E 69 2.69 4.08 -26.49
C PHE E 69 1.16 4.10 -26.38
N GLY E 70 0.46 4.33 -27.49
CA GLY E 70 -1.00 4.47 -27.54
C GLY E 70 -1.83 3.23 -27.30
N VAL E 71 -1.26 2.15 -26.75
CA VAL E 71 -1.94 0.87 -26.51
C VAL E 71 -3.04 0.60 -27.53
N MET E 72 -2.71 0.69 -28.82
CA MET E 72 -3.57 0.30 -29.93
C MET E 72 -2.75 -0.53 -30.92
N HIS E 73 -3.47 -1.19 -31.83
CA HIS E 73 -2.89 -1.98 -32.91
C HIS E 73 -2.25 -1.09 -33.96
N VAL E 74 -1.26 -1.62 -34.66
CA VAL E 74 -0.58 -0.77 -35.64
C VAL E 74 -1.52 -0.35 -36.76
N SER E 75 -2.40 -1.24 -37.20
CA SER E 75 -3.29 -0.88 -38.30
C SER E 75 -4.22 0.26 -37.90
N THR E 76 -4.72 0.24 -36.66
CA THR E 76 -5.64 1.30 -36.23
C THR E 76 -4.94 2.64 -36.25
N ALA E 77 -3.65 2.62 -35.89
CA ALA E 77 -2.85 3.82 -35.90
C ALA E 77 -2.64 4.32 -37.31
N PHE E 78 -2.41 3.41 -38.28
CA PHE E 78 -2.19 3.89 -39.65
C PHE E 78 -3.47 4.53 -40.20
N ASN E 79 -4.59 3.81 -40.10
CA ASN E 79 -5.84 4.34 -40.65
C ASN E 79 -6.23 5.66 -40.01
N PHE E 80 -6.08 5.78 -38.69
CA PHE E 80 -6.53 7.01 -38.03
C PHE E 80 -5.59 8.18 -38.32
N SER E 81 -4.30 7.94 -38.45
CA SER E 81 -3.42 9.07 -38.71
C SER E 81 -3.61 9.58 -40.14
N LYS E 82 -3.88 8.69 -41.08
CA LYS E 82 -4.29 9.16 -42.40
C LYS E 82 -5.51 10.07 -42.31
N LYS E 83 -6.58 9.58 -41.66
CA LYS E 83 -7.74 10.46 -41.45
C LYS E 83 -7.35 11.79 -40.81
N LEU E 84 -6.32 11.79 -39.96
CA LEU E 84 -5.94 13.07 -39.34
C LEU E 84 -5.18 13.97 -40.29
N GLU E 85 -4.54 13.40 -41.31
CA GLU E 85 -3.98 14.31 -42.31
C GLU E 85 -5.08 14.87 -43.20
N GLU E 86 -6.19 14.14 -43.35
CA GLU E 86 -7.28 14.69 -44.17
C GLU E 86 -7.83 15.99 -43.57
N LYS E 87 -8.14 16.01 -42.29
CA LYS E 87 -8.54 17.23 -41.60
C LYS E 87 -7.39 18.22 -41.42
N GLY E 88 -6.17 17.85 -41.74
CA GLY E 88 -5.08 18.79 -41.68
C GLY E 88 -4.62 19.08 -40.27
N LEU E 89 -4.34 18.03 -39.51
CA LEU E 89 -3.82 18.16 -38.15
C LEU E 89 -2.46 17.53 -37.94
N LEU E 90 -1.93 16.79 -38.91
CA LEU E 90 -0.69 16.05 -38.75
C LEU E 90 0.10 16.08 -40.05
N SER E 91 1.41 16.02 -39.95
CA SER E 91 2.30 16.05 -41.10
C SER E 91 3.09 14.75 -41.19
N PHE E 92 2.90 14.00 -42.29
CA PHE E 92 3.66 12.79 -42.58
C PHE E 92 5.05 13.14 -43.14
N SER E 93 5.99 12.22 -42.99
CA SER E 93 7.34 12.41 -43.53
C SER E 93 8.02 11.07 -43.67
N LYS E 94 9.18 11.08 -44.34
CA LYS E 94 9.98 9.90 -44.60
C LYS E 94 11.45 10.29 -44.62
N LYS E 95 12.31 9.31 -44.36
CA LYS E 95 13.74 9.57 -44.25
C LYS E 95 14.51 8.79 -45.31
N GLN E 96 15.59 9.39 -45.77
CA GLN E 96 16.33 8.86 -46.91
C GLN E 96 16.99 7.53 -46.58
N ASP E 97 17.60 7.42 -45.40
CA ASP E 97 18.37 6.24 -45.07
C ASP E 97 17.53 4.97 -45.21
N ASP E 98 16.32 4.95 -44.65
CA ASP E 98 15.38 3.86 -44.85
C ASP E 98 13.98 4.41 -45.12
N LYS E 99 13.37 3.95 -46.21
CA LYS E 99 12.10 4.44 -46.70
C LYS E 99 10.92 3.61 -46.23
N ARG E 100 11.15 2.47 -45.58
CA ARG E 100 10.05 1.66 -45.06
C ARG E 100 9.25 2.39 -44.00
N ASN E 101 9.93 2.97 -43.01
CA ASN E 101 9.25 3.62 -41.89
C ASN E 101 8.72 4.99 -42.29
N THR E 102 7.56 5.31 -41.73
CA THR E 102 6.86 6.57 -41.96
C THR E 102 6.79 7.34 -40.64
N TYR E 103 6.98 8.65 -40.71
CA TYR E 103 7.12 9.47 -39.52
C TYR E 103 6.00 10.49 -39.46
N ILE E 104 5.72 10.96 -38.24
CA ILE E 104 4.54 11.77 -37.96
C ILE E 104 4.93 12.94 -37.08
N GLU E 105 4.42 14.11 -37.40
CA GLU E 105 4.70 15.35 -36.71
C GLU E 105 3.38 16.10 -36.64
N LEU E 106 3.31 17.17 -35.86
CA LEU E 106 2.03 17.79 -35.57
C LEU E 106 1.94 19.18 -36.20
N THR E 107 0.84 19.41 -36.93
CA THR E 107 0.63 20.70 -37.54
C THR E 107 0.19 21.73 -36.49
N GLU E 108 0.21 23.01 -36.90
CA GLU E 108 -0.14 24.09 -35.99
C GLU E 108 -1.59 24.01 -35.55
N LYS E 109 -2.48 23.65 -36.47
CA LYS E 109 -3.88 23.44 -36.08
C LYS E 109 -4.00 22.34 -35.04
N GLY E 110 -3.11 21.35 -35.09
CA GLY E 110 -3.13 20.32 -34.07
C GLY E 110 -2.82 20.88 -32.70
N GLU E 111 -1.75 21.68 -32.60
CA GLU E 111 -1.43 22.31 -31.35
C GLU E 111 -2.57 23.18 -30.88
N GLU E 112 -3.31 23.77 -31.82
CA GLU E 112 -4.44 24.59 -31.45
C GLU E 112 -5.55 23.74 -30.87
N VAL E 113 -5.78 22.57 -31.45
CA VAL E 113 -6.84 21.71 -30.94
C VAL E 113 -6.49 21.26 -29.53
N LEU E 114 -5.31 20.65 -29.37
CA LEU E 114 -4.89 20.14 -28.08
C LEU E 114 -4.97 21.23 -27.02
N MET E 115 -4.47 22.42 -27.35
CA MET E 115 -4.37 23.48 -26.37
C MET E 115 -5.74 23.94 -25.94
N LYS E 116 -6.59 24.25 -26.92
CA LYS E 116 -7.95 24.65 -26.63
C LYS E 116 -8.65 23.61 -25.79
N LEU E 117 -8.37 22.34 -26.07
CA LEU E 117 -9.08 21.25 -25.41
C LEU E 117 -8.73 21.22 -23.93
N MET E 118 -7.43 21.31 -23.60
CA MET E 118 -6.97 21.51 -22.21
C MET E 118 -7.80 22.56 -21.43
N GLU E 119 -8.19 23.64 -22.10
CA GLU E 119 -9.01 24.66 -21.44
C GLU E 119 -10.30 24.06 -20.91
N THR E 120 -10.92 23.18 -21.68
CA THR E 120 -12.25 22.65 -21.38
C THR E 120 -12.23 21.55 -20.33
N TYR E 121 -11.06 21.09 -19.88
CA TYR E 121 -11.00 20.06 -18.87
C TYR E 121 -11.63 20.51 -17.58
N ASP E 122 -12.68 19.81 -17.15
CA ASP E 122 -13.26 20.01 -15.82
C ASP E 122 -13.17 18.70 -15.03
N PRO E 123 -12.15 18.52 -14.19
CA PRO E 123 -12.01 17.26 -13.46
C PRO E 123 -13.26 16.80 -12.78
N THR E 124 -14.11 17.70 -12.30
CA THR E 124 -15.18 17.28 -11.41
C THR E 124 -16.17 16.36 -12.12
N LYS E 125 -16.38 16.56 -13.42
CA LYS E 125 -17.34 15.75 -14.17
C LYS E 125 -16.92 14.28 -14.23
N ASN E 126 -15.63 14.04 -14.42
CA ASN E 126 -15.07 12.70 -14.51
C ASN E 126 -15.39 11.89 -13.26
N ALA E 127 -15.72 10.63 -13.44
CA ALA E 127 -16.24 9.81 -12.34
C ALA E 127 -15.14 9.27 -11.44
N VAL E 128 -14.02 8.85 -12.03
CA VAL E 128 -12.90 8.30 -11.27
C VAL E 128 -12.31 9.34 -10.32
N PHE E 129 -12.14 10.56 -10.81
CA PHE E 129 -11.61 11.61 -9.98
C PHE E 129 -12.38 11.67 -8.68
N ASN E 130 -13.71 11.66 -8.79
CA ASN E 130 -14.58 11.80 -7.63
C ASN E 130 -14.54 10.57 -6.74
N GLY E 131 -14.42 9.39 -7.34
CA GLY E 131 -14.40 8.17 -6.53
C GLY E 131 -13.05 7.91 -5.89
N ALA E 132 -12.05 8.71 -6.25
CA ALA E 132 -10.70 8.64 -5.69
C ALA E 132 -10.39 9.78 -4.73
N LEU E 133 -11.26 10.80 -4.70
CA LEU E 133 -11.05 11.95 -3.80
C LEU E 133 -11.02 11.59 -2.31
N PRO E 134 -11.81 10.65 -1.79
CA PRO E 134 -11.60 10.20 -0.40
C PRO E 134 -10.13 9.94 -0.04
N LEU E 135 -9.40 9.18 -0.84
CA LEU E 135 -8.07 8.81 -0.41
C LEU E 135 -7.10 9.96 -0.54
N ARG E 136 -7.49 11.02 -1.24
CA ARG E 136 -6.58 12.15 -1.43
C ARG E 136 -6.32 12.87 -0.12
N GLU E 137 -7.36 13.04 0.67
CA GLU E 137 -7.23 13.75 1.94
C GLU E 137 -6.61 12.86 2.99
N LEU E 138 -7.07 11.61 3.08
CA LEU E 138 -6.45 10.65 3.96
C LEU E 138 -4.93 10.61 3.76
N TYR E 139 -4.47 10.62 2.50
CA TYR E 139 -3.03 10.56 2.30
C TYR E 139 -2.44 11.92 2.03
N GLY E 140 -3.23 12.98 2.08
CA GLY E 140 -2.74 14.29 1.74
C GLY E 140 -2.24 14.46 0.32
N LYS E 141 -2.07 13.36 -0.43
CA LYS E 141 -1.61 13.35 -1.81
C LYS E 141 -2.56 12.50 -2.65
N PHE E 142 -2.56 12.69 -3.97
CA PHE E 142 -3.44 11.87 -4.80
C PHE E 142 -2.91 10.43 -4.82
N PRO E 143 -3.76 9.41 -4.96
CA PRO E 143 -3.26 8.03 -4.94
C PRO E 143 -2.37 7.64 -6.12
N GLU E 144 -1.25 6.97 -5.79
CA GLU E 144 -0.31 6.36 -6.73
C GLU E 144 -0.46 4.86 -6.60
N ILE E 145 -0.97 4.22 -7.66
CA ILE E 145 -1.26 2.79 -7.60
C ILE E 145 0.05 2.10 -7.98
N LEU E 146 0.90 1.94 -6.98
CA LEU E 146 2.19 1.34 -7.23
C LEU E 146 2.05 -0.07 -7.77
N GLU E 147 1.09 -0.83 -7.22
CA GLU E 147 0.98 -2.25 -7.61
C GLU E 147 0.57 -2.41 -9.08
N MET E 148 -0.42 -1.66 -9.54
CA MET E 148 -0.58 -1.54 -10.99
C MET E 148 0.72 -1.10 -11.66
N MET E 149 1.36 -0.05 -11.19
CA MET E 149 2.54 0.39 -11.92
C MET E 149 3.57 -0.72 -12.03
N CYS E 150 3.59 -1.65 -11.07
CA CYS E 150 4.58 -2.73 -11.09
C CYS E 150 4.24 -3.76 -12.14
N ILE E 151 3.02 -4.27 -12.08
CA ILE E 151 2.56 -5.16 -13.14
C ILE E 151 2.86 -4.55 -14.50
N VAL E 152 2.26 -3.37 -14.74
CA VAL E 152 2.28 -2.76 -16.07
C VAL E 152 3.71 -2.53 -16.56
N ARG E 153 4.64 -2.19 -15.66
CA ARG E 153 6.02 -2.06 -16.07
C ARG E 153 6.57 -3.41 -16.53
N ASN E 154 6.22 -4.49 -15.81
CA ASN E 154 6.68 -5.82 -16.22
C ASN E 154 6.12 -6.20 -17.58
N ILE E 155 4.80 -6.07 -17.76
CA ILE E 155 4.22 -6.46 -19.05
C ILE E 155 4.81 -5.64 -20.18
N TYR E 156 4.88 -4.31 -20.04
CA TYR E 156 5.21 -3.42 -21.15
C TYR E 156 6.66 -2.91 -21.19
N GLY E 157 7.49 -3.17 -20.18
CA GLY E 157 8.88 -2.76 -20.22
C GLY E 157 9.17 -1.32 -19.80
N ASP E 158 10.47 -0.97 -19.82
CA ASP E 158 10.91 0.30 -19.21
C ASP E 158 10.88 1.47 -20.18
N ASP E 159 10.83 1.22 -21.49
CA ASP E 159 10.71 2.35 -22.43
C ASP E 159 9.30 2.91 -22.42
N PHE E 160 8.32 2.02 -22.38
CA PHE E 160 6.92 2.42 -22.31
C PHE E 160 6.70 3.34 -21.14
N MET E 161 7.21 2.94 -19.98
CA MET E 161 7.00 3.73 -18.78
C MET E 161 7.71 5.08 -18.84
N GLU E 162 8.44 5.39 -19.90
CA GLU E 162 8.94 6.76 -20.02
C GLU E 162 7.82 7.76 -20.19
N ILE E 163 6.71 7.37 -20.82
CA ILE E 163 5.67 8.34 -21.16
C ILE E 163 5.23 9.13 -19.93
N PHE E 164 4.97 8.44 -18.81
CA PHE E 164 4.55 9.16 -17.60
C PHE E 164 5.55 10.23 -17.22
N GLU E 165 6.83 9.86 -17.15
CA GLU E 165 7.83 10.85 -16.78
C GLU E 165 7.72 12.07 -17.68
N ARG E 166 7.69 11.85 -19.00
CA ARG E 166 7.67 12.98 -19.92
C ARG E 166 6.49 13.87 -19.62
N ALA E 167 5.32 13.27 -19.33
CA ALA E 167 4.12 14.04 -18.98
C ALA E 167 4.41 15.03 -17.84
N PHE E 168 4.89 14.54 -16.68
CA PHE E 168 5.10 15.49 -15.59
C PHE E 168 6.16 16.49 -16.04
N GLU E 169 7.21 16.02 -16.73
CA GLU E 169 8.26 16.92 -17.18
C GLU E 169 7.72 18.00 -18.10
N ASN E 170 6.71 17.69 -18.93
CA ASN E 170 6.18 18.74 -19.80
C ASN E 170 5.21 19.64 -19.08
N ILE E 171 4.48 19.10 -18.12
CA ILE E 171 3.47 19.93 -17.47
C ILE E 171 4.15 21.08 -16.76
N LYS E 172 5.21 20.79 -16.02
CA LYS E 172 6.02 21.84 -15.41
C LYS E 172 6.98 22.39 -16.46
N GLU E 173 7.06 23.71 -16.56
CA GLU E 173 7.93 24.46 -17.48
C GLU E 173 7.45 24.45 -18.91
N ASP E 174 6.23 23.99 -19.21
CA ASP E 174 5.62 24.26 -20.50
C ASP E 174 4.19 24.73 -20.35
N PHE E 175 3.68 24.80 -19.12
CA PHE E 175 2.37 25.34 -18.82
C PHE E 175 2.44 26.08 -17.47
N ILE E 176 1.40 26.86 -17.23
CA ILE E 176 1.24 27.69 -16.04
C ILE E 176 -0.24 27.79 -15.72
N GLU E 177 -0.53 28.15 -14.48
CA GLU E 177 -1.91 28.20 -14.01
C GLU E 177 -2.33 29.65 -13.82
N GLN E 178 -3.41 30.06 -14.51
CA GLN E 178 -3.98 31.38 -14.31
C GLN E 178 -5.50 31.27 -14.21
N ASP E 179 -6.08 32.20 -13.45
CA ASP E 179 -7.52 32.21 -13.15
C ASP E 179 -7.89 30.81 -12.63
N GLY E 180 -8.80 30.10 -13.28
CA GLY E 180 -9.12 28.76 -12.85
C GLY E 180 -8.71 27.71 -13.86
N LYS E 181 -7.95 28.09 -14.88
CA LYS E 181 -7.55 27.15 -15.90
C LYS E 181 -6.09 27.31 -16.29
N LEU E 182 -5.63 26.37 -17.11
CA LEU E 182 -4.22 26.24 -17.44
C LEU E 182 -3.94 26.83 -18.82
N VAL E 183 -2.81 27.52 -18.92
CA VAL E 183 -2.44 28.30 -20.08
C VAL E 183 -0.96 28.04 -20.33
N LYS E 184 -0.50 28.42 -21.52
CA LYS E 184 0.89 28.23 -21.90
C LYS E 184 1.83 28.84 -20.88
N HIS F 7 -7.34 21.65 -0.56
CA HIS F 7 -7.83 21.88 -1.92
C HIS F 7 -6.81 21.29 -2.86
N TYR F 8 -7.21 20.99 -4.11
CA TYR F 8 -6.33 20.42 -5.11
C TYR F 8 -6.05 21.47 -6.18
N SER F 9 -4.78 21.70 -6.49
CA SER F 9 -4.43 22.51 -7.65
C SER F 9 -4.83 21.80 -8.94
N ILE F 10 -5.10 22.58 -9.98
CA ILE F 10 -5.55 22.01 -11.24
C ILE F 10 -4.50 21.08 -11.84
N LYS F 11 -3.24 21.50 -11.81
CA LYS F 11 -2.20 20.67 -12.38
C LYS F 11 -2.15 19.31 -11.69
N GLU F 12 -2.38 19.27 -10.38
CA GLU F 12 -2.37 17.99 -9.68
C GLU F 12 -3.42 17.06 -10.25
N ALA F 13 -4.64 17.56 -10.38
CA ALA F 13 -5.72 16.77 -10.96
C ALA F 13 -5.36 16.27 -12.35
N MET F 14 -4.75 17.11 -13.21
CA MET F 14 -4.42 16.61 -14.56
C MET F 14 -3.37 15.50 -14.52
N LEU F 15 -2.41 15.59 -13.58
CA LEU F 15 -1.36 14.58 -13.49
C LEU F 15 -1.94 13.24 -13.04
N PHE F 16 -2.80 13.27 -12.03
CA PHE F 16 -3.48 12.06 -11.57
C PHE F 16 -4.35 11.45 -12.69
N SER F 17 -4.97 12.32 -13.50
CA SER F 17 -5.85 11.83 -14.55
C SER F 17 -5.08 11.14 -15.68
N GLN F 18 -4.09 11.81 -16.25
CA GLN F 18 -3.37 11.11 -17.30
C GLN F 18 -2.77 9.80 -16.78
N ARG F 19 -2.22 9.78 -15.55
CA ARG F 19 -1.59 8.55 -15.06
C ARG F 19 -2.60 7.41 -14.93
N ILE F 20 -3.71 7.65 -14.26
CA ILE F 20 -4.69 6.60 -14.09
C ILE F 20 -5.24 6.14 -15.44
N ALA F 21 -5.32 7.07 -16.41
CA ALA F 21 -5.83 6.76 -17.74
C ALA F 21 -4.93 5.76 -18.46
N GLN F 22 -3.66 6.12 -18.62
CA GLN F 22 -2.70 5.20 -19.24
C GLN F 22 -2.68 3.84 -18.55
N LEU F 23 -2.71 3.81 -17.21
CA LEU F 23 -2.65 2.48 -16.58
C LEU F 23 -3.89 1.63 -16.88
N SER F 24 -5.09 2.21 -16.83
CA SER F 24 -6.23 1.32 -17.00
C SER F 24 -6.32 0.85 -18.43
N LYS F 25 -5.91 1.71 -19.36
CA LYS F 25 -5.89 1.28 -20.75
C LYS F 25 -4.93 0.11 -20.95
N ALA F 26 -3.69 0.22 -20.43
CA ALA F 26 -2.75 -0.88 -20.62
C ALA F 26 -3.24 -2.20 -19.97
N LEU F 27 -3.75 -2.14 -18.73
CA LEU F 27 -4.27 -3.36 -18.13
C LEU F 27 -5.42 -3.98 -18.91
N TRP F 28 -6.46 -3.20 -19.24
CA TRP F 28 -7.61 -3.80 -19.89
C TRP F 28 -7.27 -4.32 -21.27
N LYS F 29 -6.35 -3.67 -21.97
CA LYS F 29 -6.03 -4.17 -23.29
C LYS F 29 -5.37 -5.53 -23.21
N SER F 30 -4.50 -5.71 -22.21
CA SER F 30 -3.84 -7.00 -22.07
C SER F 30 -4.86 -8.07 -21.68
N ILE F 31 -5.68 -7.76 -20.67
CA ILE F 31 -6.70 -8.70 -20.18
C ILE F 31 -7.67 -9.11 -21.27
N GLU F 32 -8.11 -8.15 -22.08
CA GLU F 32 -9.02 -8.46 -23.19
C GLU F 32 -8.45 -9.51 -24.12
N LYS F 33 -7.21 -9.29 -24.58
CA LYS F 33 -6.57 -10.23 -25.51
C LYS F 33 -6.57 -11.64 -24.97
N ASP F 34 -6.03 -11.80 -23.74
CA ASP F 34 -5.91 -13.15 -23.19
C ASP F 34 -7.28 -13.78 -22.86
N TRP F 35 -8.30 -12.99 -22.67
CA TRP F 35 -9.64 -13.57 -22.54
C TRP F 35 -10.11 -14.15 -23.88
N GLN F 36 -10.11 -13.30 -24.91
CA GLN F 36 -10.60 -13.75 -26.22
C GLN F 36 -9.90 -15.04 -26.69
N ARG F 37 -8.57 -15.16 -26.52
CA ARG F 37 -7.97 -16.35 -27.14
C ARG F 37 -8.51 -17.61 -26.48
N TRP F 38 -8.60 -17.61 -25.16
CA TRP F 38 -9.10 -18.78 -24.48
C TRP F 38 -10.54 -19.09 -24.92
N ILE F 39 -11.36 -18.06 -25.10
CA ILE F 39 -12.78 -18.37 -25.30
C ILE F 39 -13.19 -18.54 -26.76
N LYS F 40 -12.30 -18.26 -27.71
CA LYS F 40 -12.69 -18.37 -29.11
C LYS F 40 -13.18 -19.77 -29.52
N PRO F 41 -12.52 -20.89 -29.15
CA PRO F 41 -13.04 -22.21 -29.53
C PRO F 41 -14.52 -22.43 -29.27
N PHE F 42 -15.10 -21.86 -28.23
CA PHE F 42 -16.47 -22.21 -27.91
C PHE F 42 -17.50 -21.35 -28.63
N ASP F 43 -17.07 -20.54 -29.60
CA ASP F 43 -17.94 -19.58 -30.28
C ASP F 43 -18.71 -18.73 -29.26
N LEU F 44 -17.93 -17.97 -28.49
CA LEU F 44 -18.37 -17.12 -27.41
C LEU F 44 -17.49 -15.88 -27.40
N ASN F 45 -18.13 -14.72 -27.39
CA ASN F 45 -17.48 -13.45 -27.14
C ASN F 45 -17.31 -13.15 -25.64
N ILE F 46 -16.51 -12.12 -25.36
CA ILE F 46 -16.23 -11.75 -23.97
C ILE F 46 -17.55 -11.55 -23.21
N ASN F 47 -18.42 -10.68 -23.72
CA ASN F 47 -19.62 -10.30 -22.99
C ASN F 47 -20.63 -11.44 -22.84
N GLU F 48 -20.61 -12.39 -23.78
CA GLU F 48 -21.46 -13.57 -23.65
C GLU F 48 -20.98 -14.46 -22.50
N HIS F 49 -19.67 -14.71 -22.44
CA HIS F 49 -19.11 -15.41 -21.30
C HIS F 49 -19.50 -14.72 -19.99
N HIS F 50 -19.34 -13.38 -19.91
CA HIS F 50 -19.67 -12.63 -18.69
C HIS F 50 -21.12 -12.82 -18.28
N ILE F 51 -22.02 -12.89 -19.26
CA ILE F 51 -23.42 -13.18 -18.92
C ILE F 51 -23.56 -14.56 -18.30
N LEU F 52 -23.04 -15.60 -18.96
CA LEU F 52 -23.19 -16.94 -18.39
C LEU F 52 -22.68 -16.98 -16.96
N TRP F 53 -21.51 -16.37 -16.72
CA TRP F 53 -20.91 -16.36 -15.38
C TRP F 53 -21.84 -15.71 -14.36
N ILE F 54 -22.43 -14.56 -14.73
CA ILE F 54 -23.38 -13.88 -13.84
C ILE F 54 -24.53 -14.81 -13.51
N ALA F 55 -24.97 -15.59 -14.50
CA ALA F 55 -26.12 -16.44 -14.30
C ALA F 55 -25.81 -17.56 -13.32
N TYR F 56 -24.58 -18.10 -13.39
CA TYR F 56 -24.23 -19.17 -12.44
C TYR F 56 -24.19 -18.61 -11.02
N HIS F 57 -23.61 -17.40 -10.83
CA HIS F 57 -23.48 -16.86 -9.48
C HIS F 57 -24.71 -16.09 -9.00
N PHE F 58 -25.47 -15.46 -9.88
CA PHE F 58 -26.72 -14.84 -9.45
C PHE F 58 -27.86 -15.48 -10.24
N LYS F 59 -28.77 -16.16 -9.56
CA LYS F 59 -29.86 -16.83 -10.25
C LYS F 59 -31.14 -16.00 -10.27
N GLY F 60 -31.84 -16.13 -11.40
CA GLY F 60 -33.10 -15.44 -11.60
C GLY F 60 -32.94 -13.95 -11.66
N ALA F 61 -31.85 -13.47 -12.22
CA ALA F 61 -31.60 -12.04 -12.32
C ALA F 61 -32.46 -11.45 -13.42
N SER F 62 -32.53 -10.12 -13.44
CA SER F 62 -33.16 -9.45 -14.57
C SER F 62 -32.07 -8.88 -15.45
N ILE F 63 -32.44 -8.64 -16.72
CA ILE F 63 -31.48 -8.22 -17.77
C ILE F 63 -30.73 -6.94 -17.36
N SER F 64 -31.41 -6.00 -16.68
CA SER F 64 -30.71 -4.82 -16.17
C SER F 64 -29.68 -5.17 -15.09
N GLU F 65 -30.03 -6.08 -14.19
CA GLU F 65 -29.06 -6.49 -13.18
C GLU F 65 -27.83 -7.12 -13.79
N ILE F 66 -27.99 -7.97 -14.80
CA ILE F 66 -26.80 -8.53 -15.44
C ILE F 66 -26.10 -7.47 -16.27
N ALA F 67 -26.80 -6.42 -16.66
CA ALA F 67 -26.06 -5.33 -17.26
C ALA F 67 -25.17 -4.68 -16.21
N LYS F 68 -25.75 -4.43 -15.03
CA LYS F 68 -25.05 -3.72 -13.96
C LYS F 68 -23.82 -4.50 -13.52
N PHE F 69 -23.99 -5.77 -13.16
CA PHE F 69 -22.82 -6.60 -12.83
C PHE F 69 -21.88 -6.74 -14.01
N GLY F 70 -22.43 -6.92 -15.21
CA GLY F 70 -21.67 -7.26 -16.41
C GLY F 70 -20.77 -6.17 -16.94
N VAL F 71 -21.00 -4.90 -16.54
CA VAL F 71 -20.29 -3.75 -17.08
C VAL F 71 -20.64 -3.67 -18.57
N MET F 72 -21.93 -3.72 -18.88
CA MET F 72 -22.37 -3.63 -20.26
C MET F 72 -23.72 -2.95 -20.30
N HIS F 73 -24.05 -2.38 -21.47
CA HIS F 73 -25.28 -1.63 -21.65
C HIS F 73 -26.49 -2.58 -21.58
N VAL F 74 -27.70 -2.03 -21.51
CA VAL F 74 -28.87 -2.90 -21.47
C VAL F 74 -29.08 -3.57 -22.83
N SER F 75 -28.85 -2.84 -23.91
CA SER F 75 -29.11 -3.37 -25.23
C SER F 75 -28.26 -4.59 -25.51
N THR F 76 -26.97 -4.56 -25.14
CA THR F 76 -26.10 -5.70 -25.48
C THR F 76 -26.48 -6.93 -24.67
N ALA F 77 -26.84 -6.72 -23.41
CA ALA F 77 -27.42 -7.77 -22.61
C ALA F 77 -28.59 -8.40 -23.33
N PHE F 78 -29.57 -7.60 -23.78
CA PHE F 78 -30.74 -8.25 -24.38
C PHE F 78 -30.36 -9.04 -25.63
N ASN F 79 -29.63 -8.43 -26.55
CA ASN F 79 -29.43 -9.09 -27.83
C ASN F 79 -28.59 -10.37 -27.67
N PHE F 80 -27.57 -10.33 -26.77
CA PHE F 80 -26.71 -11.49 -26.55
C PHE F 80 -27.43 -12.56 -25.74
N SER F 81 -28.33 -12.17 -24.83
CA SER F 81 -29.09 -13.17 -24.11
C SER F 81 -30.07 -13.87 -25.02
N LYS F 82 -30.64 -13.12 -25.97
CA LYS F 82 -31.48 -13.74 -26.98
C LYS F 82 -30.69 -14.79 -27.77
N LYS F 83 -29.54 -14.40 -28.31
CA LYS F 83 -28.73 -15.36 -29.04
C LYS F 83 -28.43 -16.60 -28.20
N LEU F 84 -28.17 -16.40 -26.92
CA LEU F 84 -27.84 -17.52 -26.06
C LEU F 84 -29.05 -18.39 -25.75
N GLU F 85 -30.27 -17.84 -25.87
CA GLU F 85 -31.46 -18.70 -25.83
C GLU F 85 -31.56 -19.54 -27.10
N GLU F 86 -31.12 -18.97 -28.21
CA GLU F 86 -31.13 -19.73 -29.46
C GLU F 86 -30.20 -20.94 -29.38
N LYS F 87 -28.96 -20.74 -28.95
CA LYS F 87 -28.05 -21.87 -28.79
C LYS F 87 -28.52 -22.86 -27.72
N GLY F 88 -29.42 -22.44 -26.82
CA GLY F 88 -29.98 -23.30 -25.79
C GLY F 88 -29.32 -23.21 -24.42
N LEU F 89 -28.36 -22.31 -24.25
CA LEU F 89 -27.56 -22.24 -23.01
C LEU F 89 -28.32 -21.55 -21.88
N LEU F 90 -29.26 -20.69 -22.24
CA LEU F 90 -29.99 -19.83 -21.34
C LEU F 90 -31.47 -20.03 -21.54
N SER F 91 -32.25 -19.69 -20.51
CA SER F 91 -33.70 -19.79 -20.56
C SER F 91 -34.33 -18.51 -20.02
N PHE F 92 -35.32 -17.98 -20.76
CA PHE F 92 -36.04 -16.77 -20.36
C PHE F 92 -37.25 -17.14 -19.50
N SER F 93 -37.82 -16.12 -18.86
CA SER F 93 -38.88 -16.32 -17.86
C SER F 93 -39.56 -14.99 -17.57
N LYS F 94 -40.77 -15.06 -17.06
CA LYS F 94 -41.50 -13.84 -16.71
C LYS F 94 -42.37 -14.09 -15.49
N LYS F 95 -42.82 -13.00 -14.85
CA LYS F 95 -43.47 -13.04 -13.55
C LYS F 95 -44.69 -12.13 -13.49
N GLN F 96 -45.60 -12.50 -12.57
CA GLN F 96 -46.94 -11.92 -12.49
C GLN F 96 -46.93 -10.54 -11.87
N ASP F 97 -46.17 -10.36 -10.78
CA ASP F 97 -46.04 -9.04 -10.17
C ASP F 97 -45.90 -7.98 -11.24
N ASP F 98 -44.96 -8.17 -12.16
CA ASP F 98 -44.73 -7.26 -13.27
C ASP F 98 -44.33 -8.03 -14.51
N LYS F 99 -45.14 -7.91 -15.55
CA LYS F 99 -44.87 -8.56 -16.82
C LYS F 99 -43.82 -7.80 -17.64
N ARG F 100 -43.32 -6.65 -17.16
CA ARG F 100 -42.29 -5.90 -17.88
C ARG F 100 -40.91 -6.54 -17.79
N ASN F 101 -40.54 -7.01 -16.60
CA ASN F 101 -39.24 -7.62 -16.37
C ASN F 101 -39.16 -8.96 -17.04
N THR F 102 -38.00 -9.24 -17.62
CA THR F 102 -37.67 -10.55 -18.12
C THR F 102 -36.51 -11.12 -17.31
N TYR F 103 -36.68 -12.35 -16.85
CA TYR F 103 -35.71 -13.00 -15.97
C TYR F 103 -35.00 -14.13 -16.70
N ILE F 104 -33.82 -14.47 -16.20
CA ILE F 104 -32.89 -15.32 -16.95
C ILE F 104 -32.32 -16.39 -16.02
N GLU F 105 -32.18 -17.60 -16.56
CA GLU F 105 -31.61 -18.70 -15.80
C GLU F 105 -30.77 -19.52 -16.74
N LEU F 106 -29.91 -20.36 -16.17
CA LEU F 106 -29.04 -21.20 -16.95
C LEU F 106 -29.71 -22.53 -17.24
N THR F 107 -29.24 -23.16 -18.31
CA THR F 107 -29.66 -24.48 -18.72
C THR F 107 -28.49 -25.45 -18.52
N GLU F 108 -28.83 -26.73 -18.51
CA GLU F 108 -27.90 -27.78 -18.12
C GLU F 108 -26.69 -27.81 -19.05
N LYS F 109 -26.93 -27.64 -20.34
CA LYS F 109 -25.85 -27.32 -21.27
C LYS F 109 -24.99 -26.18 -20.74
N GLY F 110 -25.64 -25.11 -20.25
CA GLY F 110 -24.89 -23.92 -19.86
C GLY F 110 -23.89 -24.22 -18.78
N GLU F 111 -24.34 -24.88 -17.72
CA GLU F 111 -23.42 -25.26 -16.66
C GLU F 111 -22.30 -26.13 -17.23
N GLU F 112 -22.61 -27.05 -18.16
CA GLU F 112 -21.54 -27.88 -18.75
C GLU F 112 -20.52 -27.04 -19.51
N VAL F 113 -20.98 -25.96 -20.13
CA VAL F 113 -20.10 -25.15 -20.97
C VAL F 113 -19.10 -24.40 -20.09
N LEU F 114 -19.63 -23.76 -19.04
CA LEU F 114 -18.82 -23.06 -18.06
C LEU F 114 -17.81 -23.99 -17.38
N MET F 115 -18.25 -25.19 -17.01
CA MET F 115 -17.36 -26.21 -16.43
C MET F 115 -16.17 -26.53 -17.34
N LYS F 116 -16.46 -26.93 -18.57
CA LYS F 116 -15.39 -27.19 -19.52
C LYS F 116 -14.42 -26.04 -19.57
N LEU F 117 -14.91 -24.81 -19.77
CA LEU F 117 -14.04 -23.63 -19.69
C LEU F 117 -13.16 -23.59 -18.43
N MET F 118 -13.66 -24.05 -17.29
CA MET F 118 -12.77 -24.10 -16.13
C MET F 118 -11.63 -25.11 -16.35
N GLU F 119 -11.96 -26.26 -16.94
CA GLU F 119 -10.93 -27.27 -17.22
C GLU F 119 -9.80 -26.72 -18.09
N THR F 120 -10.11 -25.80 -19.00
CA THR F 120 -9.12 -25.37 -19.97
C THR F 120 -8.43 -24.08 -19.56
N TYR F 121 -7.86 -24.08 -18.36
CA TYR F 121 -7.34 -22.87 -17.75
C TYR F 121 -5.86 -23.02 -17.40
N ASP F 122 -5.03 -22.15 -17.97
CA ASP F 122 -3.57 -22.19 -17.79
C ASP F 122 -3.08 -20.80 -17.41
N PRO F 123 -3.00 -20.49 -16.12
CA PRO F 123 -2.52 -19.15 -15.69
C PRO F 123 -1.22 -18.69 -16.32
N THR F 124 -0.34 -19.60 -16.73
CA THR F 124 0.97 -19.19 -17.18
C THR F 124 0.91 -18.52 -18.55
N LYS F 125 -0.22 -18.68 -19.26
CA LYS F 125 -0.42 -18.01 -20.54
C LYS F 125 -0.76 -16.51 -20.38
N ASN F 126 -1.69 -16.18 -19.46
CA ASN F 126 -2.03 -14.79 -19.11
C ASN F 126 -0.82 -13.99 -18.69
N ALA F 127 -0.69 -12.75 -19.21
CA ALA F 127 0.51 -11.95 -18.97
C ALA F 127 0.42 -11.15 -17.68
N VAL F 128 -0.80 -10.79 -17.27
CA VAL F 128 -0.98 -10.22 -15.94
C VAL F 128 -0.48 -11.16 -14.86
N PHE F 129 -0.92 -12.41 -14.88
CA PHE F 129 -0.52 -13.36 -13.86
C PHE F 129 0.99 -13.35 -13.68
N ASN F 130 1.69 -13.44 -14.81
CA ASN F 130 3.15 -13.48 -14.82
C ASN F 130 3.72 -12.15 -14.34
N GLY F 131 3.02 -11.06 -14.62
CA GLY F 131 3.47 -9.78 -14.10
C GLY F 131 3.30 -9.69 -12.60
N ALA F 132 2.40 -10.50 -12.05
CA ALA F 132 2.07 -10.36 -10.63
C ALA F 132 2.97 -11.21 -9.74
N LEU F 133 3.40 -12.38 -10.24
CA LEU F 133 4.24 -13.30 -9.46
C LEU F 133 5.41 -12.62 -8.72
N PRO F 134 6.18 -11.71 -9.36
CA PRO F 134 7.29 -11.05 -8.67
C PRO F 134 6.90 -10.43 -7.33
N LEU F 135 5.68 -9.91 -7.24
CA LEU F 135 5.22 -9.29 -5.99
C LEU F 135 4.73 -10.35 -5.02
N ARG F 136 4.28 -11.50 -5.53
CA ARG F 136 3.91 -12.56 -4.62
C ARG F 136 5.11 -13.00 -3.82
N GLU F 137 6.28 -13.09 -4.45
CA GLU F 137 7.42 -13.52 -3.65
C GLU F 137 7.67 -12.55 -2.48
N LEU F 138 7.63 -11.23 -2.76
CA LEU F 138 7.88 -10.24 -1.70
C LEU F 138 6.86 -10.31 -0.59
N TYR F 139 5.59 -10.42 -0.94
CA TYR F 139 4.53 -10.32 0.06
C TYR F 139 3.92 -11.67 0.44
N GLY F 140 4.45 -12.77 -0.09
CA GLY F 140 3.90 -14.08 0.22
C GLY F 140 2.44 -14.33 -0.17
N LYS F 141 1.73 -13.37 -0.77
CA LYS F 141 0.37 -13.62 -1.26
C LYS F 141 0.14 -12.77 -2.50
N PHE F 142 -0.91 -13.12 -3.26
CA PHE F 142 -1.20 -12.38 -4.49
C PHE F 142 -1.70 -10.98 -4.15
N PRO F 143 -1.29 -9.96 -4.88
CA PRO F 143 -1.63 -8.60 -4.46
C PRO F 143 -3.11 -8.28 -4.48
N GLU F 144 -3.51 -7.47 -3.51
CA GLU F 144 -4.85 -6.91 -3.41
C GLU F 144 -4.65 -5.43 -3.68
N ILE F 145 -5.23 -4.95 -4.78
CA ILE F 145 -5.05 -3.54 -5.14
C ILE F 145 -6.12 -2.79 -4.40
N LEU F 146 -5.88 -2.57 -3.08
CA LEU F 146 -6.87 -1.96 -2.21
C LEU F 146 -7.36 -0.62 -2.74
N GLU F 147 -6.44 0.19 -3.26
CA GLU F 147 -6.83 1.51 -3.75
C GLU F 147 -7.83 1.39 -4.89
N MET F 148 -7.48 0.61 -5.89
CA MET F 148 -8.38 0.36 -7.00
C MET F 148 -9.69 -0.26 -6.53
N MET F 149 -9.68 -1.12 -5.53
CA MET F 149 -10.97 -1.59 -5.05
C MET F 149 -11.82 -0.49 -4.42
N CYS F 150 -11.17 0.50 -3.80
CA CYS F 150 -11.90 1.53 -3.08
C CYS F 150 -12.51 2.54 -4.07
N ILE F 151 -11.73 2.92 -5.08
CA ILE F 151 -12.24 3.72 -6.19
C ILE F 151 -13.44 3.03 -6.83
N VAL F 152 -13.30 1.74 -7.16
CA VAL F 152 -14.44 1.05 -7.75
C VAL F 152 -15.69 1.08 -6.85
N ARG F 153 -15.57 0.99 -5.53
CA ARG F 153 -16.80 1.04 -4.72
C ARG F 153 -17.45 2.38 -4.88
N ASN F 154 -16.66 3.46 -4.87
CA ASN F 154 -17.28 4.78 -4.95
C ASN F 154 -17.84 5.08 -6.33
N ILE F 155 -17.39 4.37 -7.38
CA ILE F 155 -18.01 4.52 -8.70
C ILE F 155 -19.24 3.62 -8.89
N TYR F 156 -19.22 2.39 -8.37
CA TYR F 156 -20.21 1.35 -8.69
C TYR F 156 -21.13 0.94 -7.52
N GLY F 157 -20.76 1.20 -6.27
CA GLY F 157 -21.63 0.90 -5.16
C GLY F 157 -21.41 -0.49 -4.55
N ASP F 158 -21.95 -0.68 -3.33
CA ASP F 158 -21.61 -1.87 -2.55
C ASP F 158 -22.36 -3.09 -3.03
N ASP F 159 -23.54 -2.88 -3.60
CA ASP F 159 -24.35 -3.98 -4.07
C ASP F 159 -23.60 -4.75 -5.16
N PHE F 160 -23.05 -4.01 -6.13
CA PHE F 160 -22.26 -4.61 -7.20
C PHE F 160 -21.17 -5.51 -6.63
N MET F 161 -20.48 -5.04 -5.59
CA MET F 161 -19.31 -5.72 -5.02
C MET F 161 -19.63 -7.10 -4.47
N GLU F 162 -20.89 -7.39 -4.11
CA GLU F 162 -21.27 -8.75 -3.76
C GLU F 162 -20.68 -9.76 -4.71
N ILE F 163 -20.42 -9.35 -5.96
CA ILE F 163 -19.88 -10.26 -6.96
C ILE F 163 -18.64 -10.95 -6.44
N PHE F 164 -17.61 -10.18 -6.03
CA PHE F 164 -16.39 -10.78 -5.50
C PHE F 164 -16.67 -11.79 -4.39
N GLU F 165 -17.47 -11.39 -3.39
CA GLU F 165 -17.80 -12.30 -2.31
C GLU F 165 -18.36 -13.58 -2.86
N ARG F 166 -19.38 -13.48 -3.70
CA ARG F 166 -20.05 -14.67 -4.22
C ARG F 166 -19.03 -15.55 -4.94
N ALA F 167 -18.19 -14.95 -5.80
CA ALA F 167 -17.17 -15.75 -6.49
C ALA F 167 -16.39 -16.60 -5.50
N PHE F 168 -15.78 -15.92 -4.52
CA PHE F 168 -14.92 -16.62 -3.57
C PHE F 168 -15.69 -17.76 -2.94
N GLU F 169 -16.85 -17.46 -2.33
CA GLU F 169 -17.64 -18.51 -1.73
C GLU F 169 -17.85 -19.67 -2.67
N ASN F 170 -18.34 -19.41 -3.88
CA ASN F 170 -18.80 -20.52 -4.70
C ASN F 170 -17.63 -21.23 -5.37
N ILE F 171 -16.40 -20.70 -5.24
CA ILE F 171 -15.25 -21.50 -5.66
C ILE F 171 -14.95 -22.54 -4.61
N LYS F 172 -15.08 -22.16 -3.33
CA LYS F 172 -14.69 -23.06 -2.25
C LYS F 172 -15.58 -24.30 -2.22
N GLU F 173 -16.91 -24.12 -2.28
CA GLU F 173 -17.81 -25.22 -1.94
C GLU F 173 -17.91 -26.26 -3.05
N ASP F 174 -18.24 -25.85 -4.26
CA ASP F 174 -18.65 -26.85 -5.23
C ASP F 174 -17.45 -27.45 -5.95
N PHE F 175 -16.36 -26.72 -6.09
CA PHE F 175 -15.19 -27.21 -6.81
C PHE F 175 -14.09 -27.64 -5.86
N ILE F 176 -13.59 -28.85 -6.07
CA ILE F 176 -12.57 -29.47 -5.24
C ILE F 176 -11.31 -29.65 -6.08
N GLU F 177 -10.15 -29.35 -5.49
CA GLU F 177 -8.86 -29.42 -6.18
C GLU F 177 -8.35 -30.87 -6.20
N GLN F 178 -8.06 -31.38 -7.40
CA GLN F 178 -7.55 -32.72 -7.49
C GLN F 178 -6.89 -32.94 -8.85
N ASP F 179 -5.70 -33.57 -8.82
CA ASP F 179 -4.91 -33.88 -10.00
C ASP F 179 -4.52 -32.62 -10.74
N GLY F 180 -4.14 -31.59 -9.99
CA GLY F 180 -3.85 -30.31 -10.58
C GLY F 180 -5.00 -29.78 -11.41
N LYS F 181 -6.23 -30.18 -11.07
CA LYS F 181 -7.43 -29.78 -11.79
C LYS F 181 -8.50 -29.38 -10.78
N LEU F 182 -9.66 -28.97 -11.28
CA LEU F 182 -10.81 -28.65 -10.45
C LEU F 182 -12.02 -29.46 -10.90
N VAL F 183 -12.63 -30.18 -9.96
CA VAL F 183 -13.78 -31.03 -10.24
C VAL F 183 -14.67 -31.02 -9.02
N LYS F 184 -15.99 -31.13 -9.26
CA LYS F 184 -16.97 -31.05 -8.18
C LYS F 184 -16.57 -31.85 -6.95
#